data_3TS8
#
_entry.id   3TS8
#
_cell.length_a   163.810
_cell.length_b   169.203
_cell.length_c   55.261
_cell.angle_alpha   90.00
_cell.angle_beta   90.00
_cell.angle_gamma   90.00
#
_symmetry.space_group_name_H-M   'P 21 21 2'
#
loop_
_entity.id
_entity.type
_entity.pdbx_description
1 polymer 'Cellular tumor antigen p53'
2 polymer 'CDKN1A(p21) sense strand'
3 polymer 'CDKN1A(p21) anti-sense strand'
4 non-polymer 'ZINC ION'
5 water water
#
loop_
_entity_poly.entity_id
_entity_poly.type
_entity_poly.pdbx_seq_one_letter_code
_entity_poly.pdbx_strand_id
1 'polypeptide(L)'
;SSSVPSQKTYQGSYGFRLGFLHSGTAKSVTCTYSPALNKMFVQLAKTVPVQLYVDSTPPPGTRVRAMAIYKQSQHMTEVV
RRCPHHERSSDSDGLAPPQHLIRVEGNLRAEYLDDPNTFRHSVVVPYEPPEVGSDYTTIYFKFMCNSSCMGGMNRRPILV
IITLEDSSGNLLGRDSFEVRVCACPGRDRRTEEENLRKKTMDGEYFTLQIRGRERFEQFRERNEALELKDAQAT
;
A,B,C,D
2 'polydeoxyribonucleotide'
;(DA)(DG)(DG)(DA)(DA)(DC)(DA)(DT)(DG)(DT)(DC)(DC)(DC)(DA)(DA)(DC)(DA)(DT)(DG)(DT)
(DT)(DG)(DA)(DG)(DA)(DA)
;
K
3 'polydeoxyribonucleotide'
;(DC)(DT)(DC)(DA)(DA)(DC)(DA)(DT)(DG)(DT)(DT)(DG)(DG)(DG)(DA)(DC)(DA)(DT)(DG)(DT)
(DT)(DC)(DC)(DT)(DT)(DT)
;
L
#
# COMPACT_ATOMS: atom_id res chain seq x y z
N SER A 1 12.65 11.92 9.90
CA SER A 1 12.90 12.73 8.67
C SER A 1 13.85 13.90 8.92
N SER A 2 13.52 15.05 8.36
CA SER A 2 14.32 16.27 8.49
C SER A 2 13.46 17.50 8.16
N SER A 3 13.70 18.61 8.87
CA SER A 3 12.94 19.84 8.65
C SER A 3 13.03 20.21 7.18
N VAL A 4 12.13 21.07 6.74
CA VAL A 4 12.11 21.49 5.35
C VAL A 4 12.75 22.86 5.12
N PRO A 5 13.80 22.91 4.31
CA PRO A 5 14.46 24.19 4.04
C PRO A 5 13.52 25.08 3.24
N SER A 6 13.58 26.38 3.48
CA SER A 6 12.71 27.32 2.78
C SER A 6 12.87 27.26 1.28
N GLN A 7 11.78 27.45 0.57
CA GLN A 7 11.81 27.43 -0.89
C GLN A 7 11.21 28.73 -1.43
N LYS A 8 11.12 29.75 -0.60
CA LYS A 8 10.55 31.01 -1.03
C LYS A 8 11.57 31.89 -1.76
N THR A 9 11.16 32.41 -2.92
CA THR A 9 12.02 33.28 -3.71
C THR A 9 12.36 34.51 -2.91
N TYR A 10 13.61 34.95 -3.01
CA TYR A 10 14.11 36.11 -2.29
C TYR A 10 15.28 36.68 -3.08
N GLN A 11 15.04 37.77 -3.81
CA GLN A 11 16.08 38.38 -4.60
C GLN A 11 17.16 39.04 -3.76
N GLY A 12 16.80 39.46 -2.55
CA GLY A 12 17.78 40.07 -1.68
C GLY A 12 18.40 41.36 -2.18
N SER A 13 19.41 41.83 -1.46
CA SER A 13 20.11 43.08 -1.77
C SER A 13 20.75 43.13 -3.15
N TYR A 14 21.00 41.96 -3.73
CA TYR A 14 21.65 41.89 -5.03
C TYR A 14 20.75 41.49 -6.18
N GLY A 15 19.45 41.43 -5.94
CA GLY A 15 18.53 41.06 -7.00
C GLY A 15 18.97 39.76 -7.66
N PHE A 16 19.09 38.73 -6.84
CA PHE A 16 19.50 37.42 -7.30
C PHE A 16 18.35 36.69 -7.96
N ARG A 17 18.62 36.05 -9.10
CA ARG A 17 17.59 35.27 -9.80
C ARG A 17 18.26 34.35 -10.82
N LEU A 18 17.51 33.36 -11.30
CA LEU A 18 18.05 32.40 -12.26
C LEU A 18 17.55 32.61 -13.69
N GLY A 19 18.28 32.01 -14.63
CA GLY A 19 17.91 32.10 -16.03
C GLY A 19 18.28 30.78 -16.68
N PHE A 20 17.57 30.41 -17.74
CA PHE A 20 17.84 29.15 -18.41
C PHE A 20 17.89 29.34 -19.93
N LEU A 21 18.78 30.21 -20.38
CA LEU A 21 18.92 30.47 -21.81
C LEU A 21 20.30 30.05 -22.31
N HIS A 22 20.43 28.78 -22.67
CA HIS A 22 21.68 28.24 -23.20
C HIS A 22 21.38 27.47 -24.49
N SER A 23 21.93 27.98 -25.59
CA SER A 23 21.75 27.37 -26.91
C SER A 23 22.04 25.88 -26.97
N GLY A 24 21.60 25.25 -28.06
CA GLY A 24 21.83 23.83 -28.27
C GLY A 24 23.22 23.62 -28.84
N THR A 25 23.62 24.51 -29.76
CA THR A 25 24.94 24.45 -30.38
C THR A 25 25.98 24.59 -29.27
N ALA A 26 27.18 24.07 -29.49
CA ALA A 26 28.26 24.12 -28.49
C ALA A 26 27.81 23.34 -27.26
N LYS A 27 28.37 22.14 -27.07
CA LYS A 27 28.01 21.29 -25.95
C LYS A 27 26.54 20.91 -26.12
N SER A 28 26.21 20.34 -27.28
CA SER A 28 24.85 19.93 -27.60
C SER A 28 24.13 19.24 -26.44
N VAL A 29 23.39 20.01 -25.66
CA VAL A 29 22.66 19.49 -24.51
C VAL A 29 21.43 18.69 -24.90
N THR A 30 21.10 17.69 -24.08
CA THR A 30 19.94 16.85 -24.33
C THR A 30 18.80 17.23 -23.39
N CYS A 31 18.98 18.32 -22.66
CA CYS A 31 17.97 18.78 -21.73
C CYS A 31 17.19 19.94 -22.34
N THR A 32 16.06 20.27 -21.73
CA THR A 32 15.22 21.37 -22.21
C THR A 32 14.41 21.99 -21.07
N TYR A 33 14.27 23.31 -21.10
CA TYR A 33 13.55 24.04 -20.07
C TYR A 33 12.18 24.56 -20.54
N SER A 34 11.19 24.46 -19.66
CA SER A 34 9.84 24.93 -19.97
C SER A 34 9.43 26.10 -19.08
N PRO A 35 9.47 27.32 -19.62
CA PRO A 35 9.10 28.53 -18.87
C PRO A 35 7.66 28.48 -18.39
N ALA A 36 6.83 27.70 -19.07
CA ALA A 36 5.43 27.58 -18.72
C ALA A 36 5.24 26.75 -17.45
N LEU A 37 6.31 26.13 -16.99
CA LEU A 37 6.25 25.30 -15.81
C LEU A 37 7.41 25.57 -14.87
N ASN A 38 8.41 26.30 -15.37
CA ASN A 38 9.63 26.60 -14.61
C ASN A 38 10.18 25.26 -14.18
N LYS A 39 10.26 24.33 -15.13
CA LYS A 39 10.73 22.99 -14.88
C LYS A 39 11.70 22.57 -15.96
N MET A 40 12.81 21.98 -15.54
CA MET A 40 13.84 21.53 -16.47
C MET A 40 13.74 20.02 -16.72
N PHE A 41 13.84 19.63 -17.98
CA PHE A 41 13.79 18.20 -18.33
C PHE A 41 15.18 17.77 -18.81
N VAL A 42 15.83 16.89 -18.06
CA VAL A 42 17.16 16.42 -18.43
C VAL A 42 17.35 14.92 -18.25
N GLN A 43 18.39 14.38 -18.87
CA GLN A 43 18.69 12.95 -18.76
C GLN A 43 19.70 12.71 -17.67
N LEU A 44 19.69 11.50 -17.13
CA LEU A 44 20.61 11.10 -16.08
C LEU A 44 22.06 11.40 -16.43
N ALA A 45 22.77 12.01 -15.49
CA ALA A 45 24.19 12.35 -15.64
C ALA A 45 24.57 13.23 -16.84
N LYS A 46 23.66 14.06 -17.32
CA LYS A 46 23.97 14.92 -18.45
C LYS A 46 23.99 16.38 -18.00
N THR A 47 24.91 17.15 -18.56
CA THR A 47 25.07 18.56 -18.21
C THR A 47 23.80 19.38 -18.27
N VAL A 48 23.62 20.23 -17.25
CA VAL A 48 22.47 21.12 -17.15
C VAL A 48 23.02 22.50 -16.80
N PRO A 49 23.08 23.41 -17.78
CA PRO A 49 23.59 24.77 -17.54
C PRO A 49 22.52 25.69 -16.95
N VAL A 50 22.89 26.44 -15.92
CA VAL A 50 21.97 27.36 -15.27
C VAL A 50 22.64 28.73 -15.17
N GLN A 51 21.88 29.78 -15.45
CA GLN A 51 22.41 31.14 -15.38
C GLN A 51 22.14 31.89 -14.06
N LEU A 52 23.17 32.53 -13.53
CA LEU A 52 23.05 33.29 -12.29
C LEU A 52 23.06 34.77 -12.60
N TYR A 53 22.00 35.46 -12.22
CA TYR A 53 21.91 36.90 -12.47
C TYR A 53 21.94 37.69 -11.18
N VAL A 54 22.69 38.77 -11.17
CA VAL A 54 22.81 39.62 -10.00
C VAL A 54 22.94 41.07 -10.49
N ASP A 55 22.34 42.01 -9.75
CA ASP A 55 22.39 43.43 -10.10
C ASP A 55 23.75 44.06 -9.82
N SER A 56 24.28 43.83 -8.63
CA SER A 56 25.59 44.37 -8.26
C SER A 56 26.51 43.26 -7.76
N THR A 57 27.81 43.44 -7.97
CA THR A 57 28.80 42.45 -7.56
C THR A 57 28.76 42.16 -6.06
N PRO A 58 28.54 40.88 -5.69
CA PRO A 58 28.47 40.38 -4.31
C PRO A 58 29.81 40.50 -3.59
N PRO A 59 29.78 40.50 -2.24
CA PRO A 59 30.99 40.61 -1.43
C PRO A 59 31.89 39.37 -1.51
N PRO A 60 33.16 39.51 -1.10
CA PRO A 60 34.14 38.43 -1.11
C PRO A 60 33.73 37.26 -0.22
N GLY A 61 33.85 36.04 -0.75
CA GLY A 61 33.49 34.88 0.04
C GLY A 61 32.11 34.35 -0.21
N THR A 62 31.35 35.02 -1.08
CA THR A 62 30.01 34.59 -1.38
C THR A 62 30.03 33.25 -2.11
N ARG A 63 29.11 32.37 -1.75
CA ARG A 63 29.04 31.06 -2.37
C ARG A 63 27.67 30.80 -2.98
N VAL A 64 27.55 29.69 -3.70
CA VAL A 64 26.29 29.29 -4.32
C VAL A 64 26.04 27.84 -3.98
N ARG A 65 24.94 27.57 -3.29
CA ARG A 65 24.59 26.22 -2.86
C ARG A 65 23.42 25.67 -3.65
N ALA A 66 23.40 24.35 -3.85
CA ALA A 66 22.31 23.72 -4.59
C ALA A 66 21.76 22.61 -3.72
N MET A 67 20.45 22.59 -3.54
CA MET A 67 19.79 21.58 -2.72
C MET A 67 18.48 21.13 -3.35
N ALA A 68 18.20 19.83 -3.29
CA ALA A 68 16.96 19.32 -3.86
C ALA A 68 16.01 18.85 -2.77
N ILE A 69 14.73 19.18 -2.93
CA ILE A 69 13.71 18.78 -1.97
C ILE A 69 12.51 18.26 -2.74
N TYR A 70 11.69 17.44 -2.10
CA TYR A 70 10.50 16.92 -2.76
C TYR A 70 9.44 18.01 -2.80
N LYS A 71 8.79 18.14 -3.97
CA LYS A 71 7.77 19.13 -4.21
C LYS A 71 6.51 18.95 -3.38
N GLN A 72 5.88 17.77 -3.50
CA GLN A 72 4.65 17.47 -2.77
C GLN A 72 4.86 17.47 -1.25
N SER A 73 3.97 18.16 -0.55
CA SER A 73 4.05 18.29 0.91
C SER A 73 4.16 17.00 1.70
N GLN A 74 3.59 15.91 1.19
CA GLN A 74 3.66 14.66 1.93
C GLN A 74 5.01 13.99 1.86
N HIS A 75 5.92 14.55 1.07
CA HIS A 75 7.26 14.01 0.94
C HIS A 75 8.34 15.03 1.31
N MET A 76 7.94 16.28 1.43
CA MET A 76 8.86 17.37 1.76
C MET A 76 9.85 17.09 2.88
N THR A 77 9.45 16.31 3.87
CA THR A 77 10.35 16.03 4.99
C THR A 77 11.36 14.93 4.71
N GLU A 78 11.20 14.23 3.60
CA GLU A 78 12.12 13.17 3.24
C GLU A 78 13.32 13.73 2.47
N VAL A 79 14.52 13.38 2.91
CA VAL A 79 15.75 13.84 2.27
C VAL A 79 15.87 13.22 0.87
N VAL A 80 16.17 14.05 -0.11
CA VAL A 80 16.32 13.58 -1.48
C VAL A 80 17.70 12.97 -1.69
N ARG A 81 17.75 11.67 -1.95
CA ARG A 81 19.01 10.98 -2.16
C ARG A 81 18.97 10.02 -3.35
N ARG A 82 20.12 9.46 -3.71
CA ARG A 82 20.18 8.50 -4.80
C ARG A 82 19.62 7.13 -4.38
N CYS A 83 19.34 6.29 -5.37
CA CYS A 83 18.81 4.97 -5.11
C CYS A 83 19.96 4.01 -4.83
N PRO A 84 19.68 2.92 -4.09
CA PRO A 84 20.71 1.92 -3.74
C PRO A 84 21.55 1.48 -4.94
N HIS A 85 20.86 1.09 -6.01
CA HIS A 85 21.54 0.62 -7.21
C HIS A 85 22.54 1.65 -7.77
N HIS A 86 22.07 2.85 -8.05
CA HIS A 86 22.92 3.89 -8.60
C HIS A 86 23.91 4.45 -7.59
N GLU A 87 23.61 4.29 -6.31
CA GLU A 87 24.51 4.80 -5.28
C GLU A 87 25.80 4.00 -5.24
N ARG A 88 25.67 2.69 -5.45
CA ARG A 88 26.82 1.81 -5.44
C ARG A 88 27.52 1.77 -6.79
N SER A 89 27.03 2.58 -7.74
CA SER A 89 27.62 2.63 -9.07
C SER A 89 29.02 3.25 -9.00
N SER A 90 29.81 3.00 -10.04
CA SER A 90 31.17 3.52 -10.12
C SER A 90 31.24 4.81 -10.95
N ASP A 91 30.11 5.48 -11.10
CA ASP A 91 30.04 6.73 -11.85
C ASP A 91 30.55 7.88 -11.00
N SER A 92 31.18 7.52 -9.89
CA SER A 92 31.74 8.49 -8.95
C SER A 92 33.11 8.99 -9.40
N ASP A 93 33.24 10.31 -9.49
CA ASP A 93 34.50 10.94 -9.91
C ASP A 93 35.45 11.15 -8.74
N GLY A 94 35.01 10.74 -7.55
CA GLY A 94 35.82 10.88 -6.36
C GLY A 94 35.43 12.08 -5.51
N LEU A 95 35.43 13.26 -6.11
CA LEU A 95 35.08 14.50 -5.41
C LEU A 95 33.68 14.44 -4.81
N ALA A 96 32.71 14.00 -5.60
CA ALA A 96 31.33 13.90 -5.14
C ALA A 96 31.00 12.56 -4.50
N PRO A 97 30.46 12.58 -3.28
CA PRO A 97 30.11 11.34 -2.58
C PRO A 97 29.13 10.56 -3.44
N PRO A 98 29.16 9.23 -3.36
CA PRO A 98 28.26 8.42 -4.17
C PRO A 98 26.75 8.57 -3.90
N GLN A 99 26.39 9.12 -2.75
CA GLN A 99 24.97 9.27 -2.43
C GLN A 99 24.29 10.56 -2.88
N HIS A 100 25.08 11.56 -3.27
CA HIS A 100 24.51 12.83 -3.73
C HIS A 100 23.81 12.74 -5.10
N LEU A 101 22.66 13.39 -5.21
CA LEU A 101 21.92 13.41 -6.45
C LEU A 101 22.47 14.51 -7.35
N ILE A 102 22.69 15.68 -6.77
CA ILE A 102 23.18 16.83 -7.51
C ILE A 102 24.69 16.96 -7.53
N ARG A 103 25.24 17.16 -8.72
CA ARG A 103 26.68 17.34 -8.88
C ARG A 103 26.97 18.58 -9.68
N VAL A 104 28.12 19.19 -9.41
CA VAL A 104 28.55 20.37 -10.13
C VAL A 104 29.61 19.87 -11.09
N GLU A 105 29.60 20.36 -12.32
CA GLU A 105 30.56 19.93 -13.32
C GLU A 105 31.49 21.06 -13.72
N GLY A 106 32.73 20.70 -14.02
CA GLY A 106 33.70 21.69 -14.45
C GLY A 106 34.14 22.69 -13.40
N ASN A 107 34.11 22.29 -12.14
CA ASN A 107 34.54 23.16 -11.05
C ASN A 107 35.13 22.35 -9.93
N LEU A 108 36.46 22.40 -9.80
CA LEU A 108 37.15 21.64 -8.76
C LEU A 108 37.11 22.28 -7.37
N ARG A 109 36.46 23.44 -7.25
CA ARG A 109 36.33 24.11 -5.95
C ARG A 109 34.99 23.76 -5.29
N ALA A 110 34.19 22.95 -5.99
CA ALA A 110 32.90 22.52 -5.47
C ALA A 110 33.05 21.65 -4.22
N GLU A 111 32.23 21.94 -3.21
CA GLU A 111 32.26 21.20 -1.96
C GLU A 111 30.89 20.57 -1.70
N TYR A 112 30.89 19.29 -1.32
CA TYR A 112 29.66 18.56 -1.05
C TYR A 112 29.42 18.44 0.44
N LEU A 113 28.26 18.87 0.89
CA LEU A 113 27.93 18.81 2.31
C LEU A 113 26.82 17.81 2.61
N ASP A 114 26.99 17.07 3.69
CA ASP A 114 26.01 16.09 4.13
C ASP A 114 25.71 16.52 5.57
N ASP A 115 24.82 17.51 5.69
CA ASP A 115 24.43 18.07 6.97
C ASP A 115 24.26 17.07 8.12
N PRO A 116 24.90 17.35 9.27
CA PRO A 116 24.87 16.51 10.47
C PRO A 116 23.66 16.75 11.37
N ASN A 117 22.86 17.77 11.05
CA ASN A 117 21.69 18.08 11.85
C ASN A 117 20.41 17.84 11.06
N THR A 118 20.44 18.19 9.77
CA THR A 118 19.27 18.03 8.90
C THR A 118 19.42 16.85 7.96
N PHE A 119 20.61 16.27 7.93
CA PHE A 119 20.88 15.12 7.05
C PHE A 119 20.66 15.42 5.56
N ARG A 120 20.42 16.69 5.25
CA ARG A 120 20.19 17.13 3.88
C ARG A 120 21.49 17.22 3.09
N HIS A 121 21.41 16.97 1.78
CA HIS A 121 22.58 17.03 0.89
C HIS A 121 22.59 18.34 0.09
N SER A 122 23.79 18.82 -0.22
CA SER A 122 23.92 20.04 -0.99
C SER A 122 25.34 20.17 -1.50
N VAL A 123 25.52 21.01 -2.52
CA VAL A 123 26.84 21.25 -3.09
C VAL A 123 27.06 22.77 -3.20
N VAL A 124 28.24 23.22 -2.78
CA VAL A 124 28.55 24.65 -2.83
C VAL A 124 29.77 25.00 -3.65
N VAL A 125 29.75 26.17 -4.28
CA VAL A 125 30.88 26.63 -5.06
C VAL A 125 31.05 28.13 -4.84
N PRO A 126 32.30 28.61 -4.83
CA PRO A 126 32.55 30.04 -4.63
C PRO A 126 31.89 30.85 -5.74
N TYR A 127 31.19 31.91 -5.39
CA TYR A 127 30.56 32.75 -6.40
C TYR A 127 31.61 33.35 -7.34
N GLU A 128 31.36 33.29 -8.64
CA GLU A 128 32.27 33.86 -9.61
C GLU A 128 31.53 34.87 -10.47
N PRO A 129 32.18 36.02 -10.77
CA PRO A 129 31.56 37.08 -11.58
C PRO A 129 31.31 36.63 -13.02
N PRO A 130 30.49 37.39 -13.75
CA PRO A 130 30.17 37.06 -15.15
C PRO A 130 31.42 37.17 -16.03
N GLU A 131 31.35 36.58 -17.21
CA GLU A 131 32.46 36.63 -18.15
C GLU A 131 32.44 38.00 -18.82
N VAL A 132 33.63 38.47 -19.22
CA VAL A 132 33.74 39.76 -19.90
C VAL A 132 32.81 39.79 -21.12
N GLY A 133 31.79 40.63 -21.04
CA GLY A 133 30.85 40.73 -22.15
C GLY A 133 29.51 40.09 -21.84
N SER A 134 29.38 39.56 -20.63
CA SER A 134 28.15 38.91 -20.19
C SER A 134 27.66 39.50 -18.88
N ASP A 135 26.37 39.35 -18.62
CA ASP A 135 25.77 39.87 -17.41
C ASP A 135 25.21 38.75 -16.54
N TYR A 136 25.74 37.54 -16.73
CA TYR A 136 25.31 36.38 -15.98
C TYR A 136 26.44 35.37 -15.80
N THR A 137 26.38 34.62 -14.71
CA THR A 137 27.39 33.60 -14.45
C THR A 137 26.76 32.24 -14.66
N THR A 138 27.42 31.39 -15.43
CA THR A 138 26.92 30.05 -15.70
C THR A 138 27.47 29.01 -14.74
N ILE A 139 26.65 28.02 -14.41
CA ILE A 139 27.05 26.94 -13.55
C ILE A 139 26.47 25.67 -14.16
N TYR A 140 27.24 24.58 -14.16
CA TYR A 140 26.80 23.32 -14.75
C TYR A 140 26.50 22.21 -13.73
N PHE A 141 25.28 21.69 -13.78
CA PHE A 141 24.88 20.63 -12.87
C PHE A 141 24.73 19.26 -13.56
N LYS A 142 24.69 18.22 -12.73
CA LYS A 142 24.50 16.85 -13.19
C LYS A 142 23.62 16.13 -12.18
N PHE A 143 22.53 15.56 -12.66
CA PHE A 143 21.61 14.84 -11.79
C PHE A 143 21.87 13.34 -11.99
N MET A 144 22.32 12.71 -10.91
CA MET A 144 22.68 11.30 -10.92
C MET A 144 21.59 10.25 -10.74
N CYS A 145 20.33 10.64 -10.88
CA CYS A 145 19.24 9.68 -10.73
C CYS A 145 18.03 10.06 -11.54
N ASN A 146 17.29 9.05 -11.99
CA ASN A 146 16.06 9.30 -12.72
C ASN A 146 14.99 9.59 -11.69
N SER A 147 14.08 10.51 -12.00
CA SER A 147 13.02 10.84 -11.07
C SER A 147 12.20 9.60 -10.72
N SER A 148 12.34 8.54 -11.52
CA SER A 148 11.58 7.32 -11.31
C SER A 148 12.35 6.25 -10.55
N CYS A 149 13.64 6.43 -10.37
CA CYS A 149 14.43 5.43 -9.65
C CYS A 149 13.76 4.93 -8.37
N MET A 150 13.42 3.64 -8.34
CA MET A 150 12.82 3.08 -7.14
C MET A 150 13.91 3.07 -6.05
N GLY A 151 13.49 3.23 -4.80
CA GLY A 151 14.45 3.26 -3.72
C GLY A 151 15.00 4.67 -3.62
N GLY A 152 14.82 5.45 -4.70
CA GLY A 152 15.30 6.81 -4.74
C GLY A 152 14.16 7.81 -4.78
N MET A 153 14.19 8.74 -5.72
CA MET A 153 13.13 9.74 -5.81
C MET A 153 11.77 9.06 -6.00
N ASN A 154 11.80 7.86 -6.55
CA ASN A 154 10.58 7.08 -6.74
C ASN A 154 9.41 7.79 -7.42
N ARG A 155 9.64 8.29 -8.63
CA ARG A 155 8.60 8.99 -9.39
C ARG A 155 8.05 10.21 -8.68
N ARG A 156 8.74 10.67 -7.65
CA ARG A 156 8.28 11.86 -6.93
C ARG A 156 8.97 13.13 -7.45
N PRO A 157 8.18 14.11 -7.89
CA PRO A 157 8.71 15.38 -8.40
C PRO A 157 9.60 16.11 -7.39
N ILE A 158 10.73 16.63 -7.84
CA ILE A 158 11.61 17.34 -6.93
C ILE A 158 11.76 18.79 -7.34
N LEU A 159 12.29 19.60 -6.43
CA LEU A 159 12.50 21.02 -6.66
C LEU A 159 13.94 21.39 -6.26
N VAL A 160 14.67 22.04 -7.16
CA VAL A 160 16.04 22.43 -6.86
C VAL A 160 16.08 23.87 -6.36
N ILE A 161 16.69 24.06 -5.18
CA ILE A 161 16.81 25.37 -4.57
C ILE A 161 18.23 25.91 -4.70
N ILE A 162 18.36 27.09 -5.28
CA ILE A 162 19.66 27.73 -5.42
C ILE A 162 19.70 28.96 -4.52
N THR A 163 20.59 28.95 -3.52
CA THR A 163 20.70 30.07 -2.60
C THR A 163 22.06 30.72 -2.71
N LEU A 164 22.07 32.04 -2.53
CA LEU A 164 23.30 32.82 -2.56
C LEU A 164 23.59 33.13 -1.09
N GLU A 165 24.82 32.89 -0.65
CA GLU A 165 25.17 33.15 0.74
C GLU A 165 26.55 33.75 0.97
N ASP A 166 26.77 34.29 2.18
CA ASP A 166 28.07 34.86 2.52
C ASP A 166 28.98 33.78 3.07
N SER A 167 30.24 34.12 3.32
CA SER A 167 31.22 33.16 3.81
C SER A 167 30.71 32.37 5.01
N SER A 168 29.80 32.96 5.78
CA SER A 168 29.27 32.28 6.96
C SER A 168 28.11 31.34 6.66
N GLY A 169 27.36 31.62 5.60
CA GLY A 169 26.24 30.78 5.25
C GLY A 169 24.92 31.51 5.41
N ASN A 170 24.99 32.80 5.69
CA ASN A 170 23.80 33.62 5.86
C ASN A 170 23.17 33.84 4.49
N LEU A 171 21.85 33.81 4.44
CA LEU A 171 21.12 33.97 3.19
C LEU A 171 21.24 35.37 2.60
N LEU A 172 21.58 35.43 1.31
CA LEU A 172 21.71 36.69 0.60
C LEU A 172 20.73 36.73 -0.56
N GLY A 173 20.31 35.56 -1.01
CA GLY A 173 19.38 35.47 -2.13
C GLY A 173 18.96 34.03 -2.35
N ARG A 174 17.81 33.83 -3.00
CA ARG A 174 17.31 32.49 -3.24
C ARG A 174 16.32 32.42 -4.39
N ASP A 175 16.39 31.34 -5.15
CA ASP A 175 15.50 31.14 -6.29
C ASP A 175 15.41 29.64 -6.48
N SER A 176 14.54 29.19 -7.39
CA SER A 176 14.37 27.75 -7.60
C SER A 176 13.59 27.38 -8.85
N PHE A 177 13.67 26.10 -9.22
CA PHE A 177 12.97 25.60 -10.39
C PHE A 177 12.76 24.11 -10.21
N GLU A 178 11.72 23.56 -10.84
CA GLU A 178 11.42 22.14 -10.73
C GLU A 178 12.32 21.37 -11.68
N VAL A 179 12.56 20.11 -11.38
CA VAL A 179 13.41 19.27 -12.23
C VAL A 179 12.89 17.84 -12.39
N ARG A 180 12.98 17.32 -13.60
CA ARG A 180 12.55 15.96 -13.87
C ARG A 180 13.65 15.28 -14.67
N VAL A 181 14.25 14.25 -14.10
CA VAL A 181 15.30 13.53 -14.79
C VAL A 181 14.68 12.30 -15.42
N CYS A 182 14.64 12.28 -16.74
CA CYS A 182 14.04 11.16 -17.47
C CYS A 182 14.89 10.72 -18.65
N ALA A 183 14.40 9.73 -19.37
CA ALA A 183 15.11 9.18 -20.54
C ALA A 183 14.78 9.95 -21.82
N CYS A 184 13.57 10.48 -21.89
CA CYS A 184 13.12 11.24 -23.06
C CYS A 184 12.61 12.60 -22.63
N PRO A 185 13.54 13.56 -22.46
CA PRO A 185 13.19 14.92 -22.04
C PRO A 185 12.20 15.62 -22.97
N GLY A 186 12.49 15.57 -24.27
CA GLY A 186 11.62 16.21 -25.25
C GLY A 186 10.19 15.72 -25.17
N ARG A 187 10.02 14.41 -25.21
CA ARG A 187 8.69 13.81 -25.13
C ARG A 187 7.97 14.28 -23.89
N ASP A 188 8.49 13.89 -22.72
CA ASP A 188 7.89 14.22 -21.45
C ASP A 188 7.55 15.70 -21.31
N ARG A 189 8.33 16.57 -21.94
CA ARG A 189 8.04 17.99 -21.85
C ARG A 189 6.79 18.34 -22.67
N ARG A 190 6.70 17.79 -23.88
CA ARG A 190 5.55 18.05 -24.72
C ARG A 190 4.28 17.62 -23.98
N THR A 191 4.30 16.40 -23.48
CA THR A 191 3.16 15.83 -22.77
C THR A 191 2.69 16.71 -21.60
N GLU A 192 3.64 17.18 -20.81
CA GLU A 192 3.30 18.00 -19.66
C GLU A 192 2.84 19.41 -20.03
N GLU A 193 3.42 19.98 -21.07
CA GLU A 193 3.01 21.31 -21.50
C GLU A 193 1.64 21.17 -22.16
N GLU A 194 1.39 20.01 -22.74
CA GLU A 194 0.12 19.71 -23.39
C GLU A 194 -0.98 19.57 -22.35
N ASN A 195 -0.68 18.85 -21.27
CA ASN A 195 -1.65 18.66 -20.19
C ASN A 195 -1.91 19.99 -19.51
N LEU A 196 -0.95 20.90 -19.64
CA LEU A 196 -1.09 22.22 -19.04
C LEU A 196 -2.08 23.04 -19.86
N ARG A 197 -1.98 22.92 -21.19
CA ARG A 197 -2.86 23.64 -22.09
C ARG A 197 -4.30 23.21 -21.88
N LYS A 198 -4.55 21.91 -21.99
CA LYS A 198 -5.89 21.37 -21.82
C LYS A 198 -6.52 21.83 -20.52
N LYS A 199 -5.68 22.11 -19.54
CA LYS A 199 -6.14 22.56 -18.23
C LYS A 199 -6.66 23.98 -18.27
N THR A 200 -6.20 24.76 -19.25
CA THR A 200 -6.61 26.15 -19.38
C THR A 200 -7.36 26.39 -20.70
N MET A 201 -8.16 25.41 -21.10
CA MET A 201 -8.92 25.52 -22.34
C MET A 201 -10.32 24.97 -22.11
N ASP A 202 -10.60 24.74 -20.83
CA ASP A 202 -11.89 24.25 -20.35
C ASP A 202 -12.74 25.48 -20.07
N GLY A 203 -13.79 25.67 -20.89
CA GLY A 203 -14.65 26.83 -20.71
C GLY A 203 -15.92 26.58 -19.91
N GLU A 204 -15.78 26.14 -18.67
CA GLU A 204 -16.93 25.89 -17.83
C GLU A 204 -17.09 27.06 -16.85
N TYR A 205 -18.32 27.57 -16.72
CA TYR A 205 -18.56 28.69 -15.83
C TYR A 205 -19.27 28.31 -14.55
N PHE A 206 -18.98 29.05 -13.49
CA PHE A 206 -19.61 28.81 -12.20
C PHE A 206 -20.05 30.14 -11.59
N THR A 207 -21.08 30.09 -10.77
CA THR A 207 -21.59 31.28 -10.14
C THR A 207 -21.31 31.25 -8.66
N LEU A 208 -21.00 32.40 -8.09
CA LEU A 208 -20.70 32.50 -6.68
C LEU A 208 -21.61 33.56 -6.07
N GLN A 209 -22.15 33.26 -4.89
CA GLN A 209 -23.03 34.18 -4.17
C GLN A 209 -22.20 34.92 -3.12
N ILE A 210 -22.07 36.22 -3.29
CA ILE A 210 -21.30 37.06 -2.37
C ILE A 210 -22.18 37.99 -1.54
N ARG A 211 -22.00 37.95 -0.23
CA ARG A 211 -22.78 38.79 0.67
C ARG A 211 -22.03 40.10 0.87
N GLY A 212 -22.76 41.21 0.95
CA GLY A 212 -22.12 42.50 1.15
C GLY A 212 -21.69 43.17 -0.13
N ARG A 213 -22.11 44.42 -0.28
CA ARG A 213 -21.81 45.21 -1.47
C ARG A 213 -20.31 45.42 -1.66
N GLU A 214 -19.63 45.91 -0.64
CA GLU A 214 -18.19 46.15 -0.75
C GLU A 214 -17.42 44.88 -1.12
N ARG A 215 -17.77 43.77 -0.48
CA ARG A 215 -17.11 42.49 -0.75
C ARG A 215 -17.24 42.15 -2.22
N PHE A 216 -18.47 42.25 -2.73
CA PHE A 216 -18.73 41.96 -4.13
C PHE A 216 -17.82 42.80 -5.02
N GLU A 217 -17.67 44.06 -4.65
CA GLU A 217 -16.84 45.01 -5.38
C GLU A 217 -15.40 44.49 -5.48
N GLN A 218 -14.86 44.07 -4.33
CA GLN A 218 -13.49 43.56 -4.27
C GLN A 218 -13.31 42.29 -5.10
N PHE A 219 -14.23 41.34 -4.93
CA PHE A 219 -14.18 40.08 -5.66
C PHE A 219 -14.31 40.29 -7.17
N ARG A 220 -15.25 41.13 -7.57
CA ARG A 220 -15.51 41.41 -8.98
C ARG A 220 -14.26 41.92 -9.69
N GLU A 221 -13.66 42.98 -9.13
CA GLU A 221 -12.46 43.55 -9.72
C GLU A 221 -11.39 42.48 -9.84
N ARG A 222 -11.24 41.67 -8.80
CA ARG A 222 -10.26 40.60 -8.76
C ARG A 222 -10.48 39.71 -9.99
N ASN A 223 -11.75 39.49 -10.32
CA ASN A 223 -12.13 38.66 -11.45
C ASN A 223 -11.92 39.38 -12.78
N GLU A 224 -12.38 40.63 -12.86
CA GLU A 224 -12.21 41.42 -14.08
C GLU A 224 -10.72 41.53 -14.39
N ALA A 225 -9.91 41.59 -13.33
CA ALA A 225 -8.47 41.69 -13.48
C ALA A 225 -7.92 40.42 -14.11
N LEU A 226 -8.44 39.28 -13.67
CA LEU A 226 -8.00 38.01 -14.20
C LEU A 226 -8.64 37.79 -15.56
N GLU A 227 -9.75 38.48 -15.78
CA GLU A 227 -10.46 38.37 -17.04
C GLU A 227 -9.68 39.10 -18.14
N LEU A 228 -9.42 40.39 -17.92
CA LEU A 228 -8.68 41.21 -18.88
C LEU A 228 -7.23 40.75 -19.04
N LYS A 229 -6.94 39.55 -18.54
CA LYS A 229 -5.60 38.98 -18.64
C LYS A 229 -5.70 37.55 -19.15
N ASP A 230 -6.93 37.14 -19.46
CA ASP A 230 -7.17 35.80 -20.00
C ASP A 230 -6.91 35.88 -21.50
N ALA A 231 -7.30 37.01 -22.09
CA ALA A 231 -7.10 37.25 -23.51
C ALA A 231 -5.66 37.69 -23.76
N GLN A 232 -4.77 36.72 -23.94
CA GLN A 232 -3.37 37.01 -24.17
C GLN A 232 -2.67 35.70 -24.52
N ALA A 233 -3.41 34.60 -24.43
CA ALA A 233 -2.89 33.27 -24.75
C ALA A 233 -2.82 33.08 -26.27
N THR A 234 -2.39 34.14 -26.97
CA THR A 234 -2.27 34.15 -28.42
C THR A 234 -1.33 35.26 -28.85
N SER B 1 34.25 -22.68 -12.02
CA SER B 1 32.83 -22.94 -11.67
C SER B 1 32.23 -24.04 -12.54
N SER B 2 30.92 -24.23 -12.43
CA SER B 2 30.22 -25.24 -13.21
C SER B 2 29.47 -24.61 -14.37
N SER B 3 28.19 -24.97 -14.52
CA SER B 3 27.37 -24.42 -15.59
C SER B 3 25.90 -24.43 -15.20
N VAL B 4 25.04 -24.55 -16.21
CA VAL B 4 23.59 -24.56 -16.01
C VAL B 4 23.02 -25.99 -16.10
N PRO B 5 22.25 -26.40 -15.09
CA PRO B 5 21.65 -27.74 -15.07
C PRO B 5 20.62 -27.96 -16.19
N SER B 6 20.16 -29.20 -16.32
CA SER B 6 19.19 -29.55 -17.35
C SER B 6 17.79 -29.07 -17.00
N GLN B 7 16.88 -29.17 -17.96
CA GLN B 7 15.49 -28.76 -17.78
C GLN B 7 14.57 -29.63 -18.64
N LYS B 8 15.09 -30.77 -19.06
CA LYS B 8 14.34 -31.73 -19.88
C LYS B 8 13.38 -32.51 -19.00
N THR B 9 12.07 -32.41 -19.30
CA THR B 9 11.05 -33.11 -18.54
C THR B 9 11.45 -34.58 -18.35
N TYR B 10 12.06 -34.86 -17.20
CA TYR B 10 12.52 -36.21 -16.89
C TYR B 10 11.92 -36.68 -15.57
N GLN B 11 10.72 -37.26 -15.62
CA GLN B 11 10.07 -37.76 -14.41
C GLN B 11 10.96 -38.76 -13.70
N GLY B 12 11.44 -39.75 -14.45
CA GLY B 12 12.29 -40.79 -13.89
C GLY B 12 11.49 -42.00 -13.47
N SER B 13 12.17 -42.97 -12.85
CA SER B 13 11.52 -44.19 -12.40
C SER B 13 10.41 -43.83 -11.43
N TYR B 14 10.74 -42.96 -10.47
CA TYR B 14 9.77 -42.53 -9.46
C TYR B 14 8.74 -41.58 -10.06
N GLY B 15 9.05 -41.06 -11.25
CA GLY B 15 8.15 -40.13 -11.91
C GLY B 15 8.14 -38.78 -11.20
N PHE B 16 7.82 -37.72 -11.92
CA PHE B 16 7.79 -36.39 -11.30
C PHE B 16 7.13 -35.32 -12.16
N ARG B 17 6.34 -34.48 -11.51
CA ARG B 17 5.63 -33.36 -12.15
C ARG B 17 4.85 -32.62 -11.07
N LEU B 18 4.35 -31.44 -11.41
CA LEU B 18 3.58 -30.63 -10.46
C LEU B 18 2.37 -30.01 -11.13
N GLY B 19 1.57 -29.30 -10.33
CA GLY B 19 0.38 -28.67 -10.86
C GLY B 19 0.03 -27.40 -10.10
N PHE B 20 -0.77 -26.54 -10.73
CA PHE B 20 -1.19 -25.29 -10.12
C PHE B 20 -2.72 -25.19 -10.12
N LEU B 21 -3.27 -24.66 -9.03
CA LEU B 21 -4.72 -24.51 -8.90
C LEU B 21 -5.31 -23.66 -10.02
N HIS B 22 -6.65 -23.60 -10.07
CA HIS B 22 -7.35 -22.83 -11.09
C HIS B 22 -6.85 -21.40 -11.19
N SER B 23 -6.55 -20.96 -12.41
CA SER B 23 -6.06 -19.61 -12.65
C SER B 23 -6.64 -19.05 -13.94
N GLY B 24 -7.50 -18.05 -13.80
CA GLY B 24 -8.12 -17.44 -14.97
C GLY B 24 -7.43 -16.15 -15.41
N THR B 25 -7.50 -15.87 -16.71
CA THR B 25 -6.90 -14.67 -17.26
C THR B 25 -7.60 -13.40 -16.78
N ALA B 26 -8.50 -13.56 -15.82
CA ALA B 26 -9.23 -12.42 -15.26
C ALA B 26 -8.23 -11.55 -14.51
N LYS B 27 -8.30 -10.23 -14.73
CA LYS B 27 -7.39 -9.31 -14.07
C LYS B 27 -7.74 -9.21 -12.58
N SER B 28 -8.74 -9.98 -12.18
CA SER B 28 -9.17 -10.01 -10.78
C SER B 28 -8.39 -11.09 -10.04
N VAL B 29 -7.08 -11.11 -10.24
CA VAL B 29 -6.21 -12.10 -9.61
C VAL B 29 -4.86 -11.49 -9.23
N THR B 30 -4.00 -12.31 -8.64
CA THR B 30 -2.67 -11.89 -8.22
C THR B 30 -1.65 -12.93 -8.69
N CYS B 31 -2.12 -13.85 -9.53
CA CYS B 31 -1.28 -14.92 -10.07
C CYS B 31 -2.08 -15.80 -11.02
N THR B 32 -1.41 -16.37 -12.01
CA THR B 32 -2.08 -17.24 -12.97
C THR B 32 -1.10 -17.95 -13.89
N TYR B 33 -1.37 -19.22 -14.16
CA TYR B 33 -0.52 -20.02 -15.03
C TYR B 33 -1.13 -20.20 -16.41
N SER B 34 -0.33 -19.99 -17.44
CA SER B 34 -0.78 -20.12 -18.82
C SER B 34 -0.17 -21.36 -19.48
N PRO B 35 -0.88 -22.50 -19.44
CA PRO B 35 -0.39 -23.74 -20.04
C PRO B 35 0.05 -23.54 -21.49
N ALA B 36 -0.51 -22.53 -22.14
CA ALA B 36 -0.19 -22.21 -23.52
C ALA B 36 1.09 -21.37 -23.59
N LEU B 37 1.82 -21.33 -22.49
CA LEU B 37 3.06 -20.56 -22.43
C LEU B 37 4.01 -21.14 -21.38
N ASN B 38 3.46 -21.89 -20.43
CA ASN B 38 4.25 -22.50 -19.36
C ASN B 38 5.00 -21.38 -18.63
N LYS B 39 4.25 -20.35 -18.22
CA LYS B 39 4.82 -19.19 -17.53
C LYS B 39 3.97 -18.83 -16.31
N MET B 40 4.56 -18.87 -15.13
CA MET B 40 3.84 -18.56 -13.92
C MET B 40 3.88 -17.07 -13.53
N PHE B 41 2.87 -16.33 -13.95
CA PHE B 41 2.79 -14.90 -13.65
C PHE B 41 2.33 -14.73 -12.20
N VAL B 42 3.06 -13.94 -11.44
CA VAL B 42 2.71 -13.71 -10.03
C VAL B 42 3.23 -12.36 -9.56
N GLN B 43 2.55 -11.78 -8.58
CA GLN B 43 2.97 -10.49 -8.04
C GLN B 43 4.12 -10.63 -7.05
N LEU B 44 4.57 -9.50 -6.52
CA LEU B 44 5.68 -9.45 -5.60
C LEU B 44 5.34 -9.85 -4.17
N ALA B 45 6.08 -10.81 -3.64
CA ALA B 45 5.92 -11.30 -2.29
C ALA B 45 4.54 -11.90 -2.00
N LYS B 46 3.92 -12.45 -3.03
CA LYS B 46 2.60 -13.06 -2.87
C LYS B 46 2.68 -14.57 -3.00
N THR B 47 2.46 -15.25 -1.88
CA THR B 47 2.50 -16.72 -1.81
C THR B 47 1.75 -17.37 -2.96
N VAL B 48 2.43 -18.24 -3.69
CA VAL B 48 1.82 -18.97 -4.80
C VAL B 48 2.38 -20.39 -4.84
N PRO B 49 1.81 -21.29 -4.01
CA PRO B 49 2.22 -22.69 -3.92
C PRO B 49 1.96 -23.51 -5.19
N VAL B 50 2.63 -24.66 -5.27
CA VAL B 50 2.47 -25.57 -6.40
C VAL B 50 2.19 -26.97 -5.86
N GLN B 51 1.34 -27.71 -6.57
CA GLN B 51 0.96 -29.06 -6.16
C GLN B 51 2.02 -30.12 -6.43
N LEU B 52 2.24 -30.98 -5.44
CA LEU B 52 3.22 -32.05 -5.55
C LEU B 52 2.55 -33.38 -5.87
N TYR B 53 2.92 -33.94 -7.03
CA TYR B 53 2.34 -35.22 -7.46
C TYR B 53 3.42 -36.24 -7.86
N VAL B 54 3.23 -37.47 -7.41
CA VAL B 54 4.16 -38.56 -7.70
C VAL B 54 3.47 -39.92 -7.56
N ASP B 55 3.52 -40.72 -8.62
CA ASP B 55 2.90 -42.05 -8.61
C ASP B 55 3.60 -42.87 -7.53
N SER B 56 4.82 -43.30 -7.83
CA SER B 56 5.60 -44.09 -6.89
C SER B 56 6.31 -43.16 -5.90
N THR B 57 5.63 -42.87 -4.80
CA THR B 57 6.18 -41.98 -3.77
C THR B 57 7.55 -42.44 -3.31
N PRO B 58 8.62 -41.74 -3.72
CA PRO B 58 10.00 -42.07 -3.37
C PRO B 58 10.17 -42.32 -1.87
N PRO B 59 11.32 -42.89 -1.46
CA PRO B 59 11.59 -43.18 -0.05
C PRO B 59 11.69 -41.91 0.81
N PRO B 60 11.01 -41.90 1.97
CA PRO B 60 11.04 -40.75 2.88
C PRO B 60 12.41 -40.11 2.99
N GLY B 61 12.43 -38.79 3.13
CA GLY B 61 13.68 -38.06 3.23
C GLY B 61 14.02 -37.33 1.95
N THR B 62 13.55 -37.86 0.83
CA THR B 62 13.79 -37.27 -0.48
C THR B 62 13.45 -35.78 -0.46
N ARG B 63 14.11 -35.00 -1.31
CA ARG B 63 13.88 -33.56 -1.35
C ARG B 63 13.56 -33.02 -2.75
N VAL B 64 12.96 -31.83 -2.78
CA VAL B 64 12.60 -31.18 -4.02
C VAL B 64 13.34 -29.85 -4.17
N ARG B 65 14.30 -29.83 -5.07
CA ARG B 65 15.07 -28.62 -5.30
C ARG B 65 14.31 -27.60 -6.13
N ALA B 66 14.61 -26.33 -5.86
CA ALA B 66 13.99 -25.23 -6.56
C ALA B 66 15.04 -24.14 -6.77
N MET B 67 15.35 -23.85 -8.02
CA MET B 67 16.34 -22.83 -8.33
C MET B 67 15.88 -21.91 -9.44
N ALA B 68 16.54 -20.77 -9.57
CA ALA B 68 16.19 -19.80 -10.60
C ALA B 68 17.38 -19.55 -11.52
N ILE B 69 17.13 -19.63 -12.82
CA ILE B 69 18.16 -19.41 -13.82
C ILE B 69 17.56 -18.69 -15.02
N TYR B 70 18.29 -17.71 -15.54
CA TYR B 70 17.83 -16.94 -16.69
C TYR B 70 17.71 -17.86 -17.90
N LYS B 71 16.62 -17.71 -18.66
CA LYS B 71 16.41 -18.52 -19.84
C LYS B 71 17.15 -17.97 -21.05
N GLN B 72 17.62 -16.73 -20.93
CA GLN B 72 18.37 -16.08 -22.00
C GLN B 72 19.77 -16.68 -22.18
N SER B 73 20.11 -16.99 -23.42
CA SER B 73 21.39 -17.61 -23.75
C SER B 73 22.60 -16.68 -23.59
N GLN B 74 22.70 -16.00 -22.45
CA GLN B 74 23.82 -15.10 -22.19
C GLN B 74 23.96 -14.72 -20.71
N HIS B 75 22.89 -14.90 -19.95
CA HIS B 75 22.94 -14.57 -18.52
C HIS B 75 22.81 -15.83 -17.65
N MET B 76 22.68 -16.98 -18.31
CA MET B 76 22.54 -18.26 -17.62
C MET B 76 23.64 -18.48 -16.58
N THR B 77 24.72 -17.71 -16.69
CA THR B 77 25.83 -17.84 -15.76
C THR B 77 25.58 -16.99 -14.52
N GLU B 78 25.04 -15.80 -14.74
CA GLU B 78 24.78 -14.86 -13.66
C GLU B 78 23.77 -15.45 -12.67
N VAL B 79 24.13 -15.40 -11.39
CA VAL B 79 23.27 -15.91 -10.32
C VAL B 79 22.04 -15.04 -10.13
N VAL B 80 20.90 -15.67 -9.89
CA VAL B 80 19.65 -14.94 -9.69
C VAL B 80 19.52 -14.52 -8.24
N ARG B 81 19.58 -13.21 -8.01
CA ARG B 81 19.48 -12.65 -6.65
C ARG B 81 18.51 -11.47 -6.60
N ARG B 82 18.49 -10.75 -5.48
CA ARG B 82 17.60 -9.61 -5.33
C ARG B 82 18.31 -8.29 -5.69
N CYS B 83 17.54 -7.31 -6.13
CA CYS B 83 18.08 -6.01 -6.49
C CYS B 83 18.63 -5.32 -5.24
N PRO B 84 19.52 -4.33 -5.42
CA PRO B 84 20.10 -3.61 -4.29
C PRO B 84 19.05 -2.97 -3.38
N HIS B 85 18.01 -2.40 -3.98
CA HIS B 85 16.94 -1.76 -3.22
C HIS B 85 16.24 -2.74 -2.29
N HIS B 86 15.63 -3.76 -2.87
CA HIS B 86 14.91 -4.76 -2.08
C HIS B 86 15.80 -5.50 -1.07
N GLU B 87 17.09 -5.62 -1.38
CA GLU B 87 17.99 -6.31 -0.47
C GLU B 87 17.99 -5.64 0.90
N ARG B 88 17.98 -4.31 0.91
CA ARG B 88 17.95 -3.57 2.16
C ARG B 88 16.73 -4.03 2.95
N SER B 89 15.60 -4.17 2.24
CA SER B 89 14.35 -4.62 2.85
C SER B 89 14.50 -5.97 3.52
N SER B 90 14.78 -5.94 4.82
CA SER B 90 14.95 -7.17 5.60
C SER B 90 13.61 -7.65 6.17
N ASP B 91 13.00 -8.62 5.50
CA ASP B 91 11.73 -9.17 5.93
C ASP B 91 11.89 -9.89 7.28
N SER B 92 10.77 -10.09 7.96
CA SER B 92 10.77 -10.76 9.26
C SER B 92 11.41 -12.15 9.17
N ASP B 93 11.05 -12.88 8.11
CA ASP B 93 11.58 -14.22 7.89
C ASP B 93 13.10 -14.27 7.84
N GLY B 94 13.70 -14.73 8.93
CA GLY B 94 15.14 -14.83 8.99
C GLY B 94 15.60 -16.17 8.47
N LEU B 95 14.65 -16.99 8.03
CA LEU B 95 14.95 -18.32 7.52
C LEU B 95 15.56 -18.22 6.12
N ALA B 96 15.11 -17.24 5.34
CA ALA B 96 15.62 -17.05 3.99
C ALA B 96 16.49 -15.79 3.93
N PRO B 97 17.71 -15.92 3.36
CA PRO B 97 18.62 -14.79 3.26
C PRO B 97 17.98 -13.63 2.50
N PRO B 98 18.16 -12.39 2.99
CA PRO B 98 17.57 -11.22 2.33
C PRO B 98 18.10 -10.97 0.93
N GLN B 99 18.65 -12.01 0.30
CA GLN B 99 19.17 -11.84 -1.06
C GLN B 99 18.62 -12.90 -1.99
N HIS B 100 17.92 -13.89 -1.44
CA HIS B 100 17.35 -14.97 -2.26
C HIS B 100 15.99 -14.58 -2.84
N LEU B 101 15.84 -14.81 -4.13
CA LEU B 101 14.61 -14.51 -4.85
C LEU B 101 13.43 -15.36 -4.40
N ILE B 102 13.67 -16.66 -4.21
CA ILE B 102 12.64 -17.59 -3.80
C ILE B 102 12.52 -17.78 -2.29
N ARG B 103 11.29 -18.03 -1.83
CA ARG B 103 11.02 -18.27 -0.42
C ARG B 103 9.97 -19.37 -0.25
N VAL B 104 9.84 -19.84 0.98
CA VAL B 104 8.88 -20.88 1.34
C VAL B 104 8.48 -20.62 2.79
N GLU B 105 7.29 -20.06 2.99
CA GLU B 105 6.81 -19.74 4.33
C GLU B 105 6.03 -20.86 4.99
N GLY B 106 5.96 -20.81 6.32
CA GLY B 106 5.25 -21.83 7.07
C GLY B 106 5.78 -23.22 6.78
N ASN B 107 7.06 -23.42 7.04
CA ASN B 107 7.71 -24.72 6.81
C ASN B 107 9.12 -24.72 7.39
N LEU B 108 9.25 -25.16 8.63
CA LEU B 108 10.56 -25.19 9.28
C LEU B 108 11.62 -26.01 8.54
N ARG B 109 11.19 -26.96 7.70
CA ARG B 109 12.14 -27.78 6.95
C ARG B 109 12.77 -26.97 5.83
N ALA B 110 12.39 -25.70 5.74
CA ALA B 110 12.92 -24.81 4.72
C ALA B 110 14.45 -24.75 4.73
N GLU B 111 15.04 -24.95 3.56
CA GLU B 111 16.49 -24.93 3.41
C GLU B 111 16.90 -23.81 2.46
N TYR B 112 17.88 -23.01 2.88
CA TYR B 112 18.39 -21.90 2.07
C TYR B 112 19.91 -21.85 2.23
N LEU B 113 20.63 -21.58 1.15
CA LEU B 113 22.08 -21.51 1.24
C LEU B 113 22.72 -21.03 -0.05
N ASP B 114 23.92 -20.47 0.07
CA ASP B 114 24.69 -19.98 -1.07
C ASP B 114 25.68 -21.04 -1.51
N ASP B 115 25.67 -21.38 -2.79
CA ASP B 115 26.59 -22.38 -3.31
C ASP B 115 28.04 -22.00 -2.96
N PRO B 116 28.83 -22.99 -2.48
CA PRO B 116 30.23 -22.79 -2.09
C PRO B 116 31.16 -22.32 -3.20
N ASN B 117 30.93 -22.79 -4.42
CA ASN B 117 31.76 -22.43 -5.56
C ASN B 117 31.09 -21.40 -6.46
N THR B 118 30.07 -21.85 -7.19
CA THR B 118 29.33 -20.99 -8.12
C THR B 118 28.61 -19.84 -7.40
N PHE B 119 28.33 -20.03 -6.11
CA PHE B 119 27.64 -19.03 -5.32
C PHE B 119 26.23 -18.77 -5.84
N ARG B 120 25.41 -19.82 -5.83
CA ARG B 120 24.03 -19.72 -6.28
C ARG B 120 23.05 -19.77 -5.11
N HIS B 121 21.79 -19.43 -5.40
CA HIS B 121 20.72 -19.43 -4.40
C HIS B 121 19.76 -20.59 -4.66
N SER B 122 19.36 -21.27 -3.58
CA SER B 122 18.46 -22.41 -3.72
C SER B 122 17.66 -22.67 -2.45
N VAL B 123 16.50 -23.30 -2.62
CA VAL B 123 15.64 -23.67 -1.51
C VAL B 123 15.29 -25.15 -1.65
N VAL B 124 15.44 -25.91 -0.57
CA VAL B 124 15.14 -27.33 -0.60
C VAL B 124 14.26 -27.77 0.56
N VAL B 125 13.27 -28.60 0.27
CA VAL B 125 12.35 -29.10 1.29
C VAL B 125 12.06 -30.58 1.14
N PRO B 126 11.97 -31.30 2.27
CA PRO B 126 11.69 -32.74 2.31
C PRO B 126 10.29 -33.10 1.83
N TYR B 127 10.22 -34.00 0.85
CA TYR B 127 8.94 -34.45 0.30
C TYR B 127 8.05 -35.03 1.38
N GLU B 128 7.12 -34.23 1.89
CA GLU B 128 6.20 -34.67 2.92
C GLU B 128 5.11 -35.55 2.34
N PRO B 129 5.05 -36.82 2.77
CA PRO B 129 4.03 -37.74 2.27
C PRO B 129 2.63 -37.20 2.55
N PRO B 130 1.71 -37.34 1.59
CA PRO B 130 0.34 -36.83 1.79
C PRO B 130 -0.17 -37.26 3.17
N GLU B 131 -0.33 -36.28 4.05
CA GLU B 131 -0.80 -36.54 5.42
C GLU B 131 -2.20 -37.15 5.46
N VAL B 132 -2.62 -37.52 6.67
CA VAL B 132 -3.92 -38.13 6.91
C VAL B 132 -5.05 -37.37 6.20
N GLY B 133 -5.85 -38.09 5.42
CA GLY B 133 -6.94 -37.47 4.70
C GLY B 133 -6.45 -36.55 3.60
N SER B 134 -5.67 -37.11 2.66
CA SER B 134 -5.14 -36.34 1.55
C SER B 134 -4.61 -37.29 0.46
N ASP B 135 -3.75 -36.77 -0.41
CA ASP B 135 -3.19 -37.58 -1.49
C ASP B 135 -1.99 -36.92 -2.17
N TYR B 136 -1.68 -35.68 -1.81
CA TYR B 136 -0.55 -34.98 -2.41
C TYR B 136 0.05 -33.96 -1.44
N THR B 137 1.04 -33.22 -1.91
CA THR B 137 1.70 -32.23 -1.07
C THR B 137 1.67 -30.85 -1.70
N THR B 138 1.86 -29.82 -0.89
CA THR B 138 1.86 -28.43 -1.35
C THR B 138 2.88 -27.58 -0.59
N ILE B 139 3.73 -26.89 -1.35
CA ILE B 139 4.76 -26.03 -0.77
C ILE B 139 4.45 -24.59 -1.15
N TYR B 140 4.64 -23.66 -0.21
CA TYR B 140 4.36 -22.24 -0.44
C TYR B 140 5.50 -21.43 -1.05
N PHE B 141 5.35 -21.12 -2.33
CA PHE B 141 6.35 -20.37 -3.11
C PHE B 141 6.16 -18.85 -3.05
N LYS B 142 7.26 -18.14 -3.27
CA LYS B 142 7.28 -16.68 -3.30
C LYS B 142 8.43 -16.18 -4.16
N PHE B 143 8.43 -14.88 -4.46
CA PHE B 143 9.46 -14.25 -5.26
C PHE B 143 9.64 -12.83 -4.75
N MET B 144 10.71 -12.59 -3.99
CA MET B 144 10.97 -11.29 -3.41
C MET B 144 11.49 -10.19 -4.34
N CYS B 145 11.20 -10.32 -5.63
CA CYS B 145 11.62 -9.30 -6.60
C CYS B 145 10.80 -9.42 -7.88
N ASN B 146 10.85 -8.36 -8.68
CA ASN B 146 10.13 -8.32 -9.95
C ASN B 146 11.07 -8.77 -11.07
N SER B 147 10.50 -9.23 -12.17
CA SER B 147 11.30 -9.66 -13.29
C SER B 147 11.71 -8.45 -14.13
N SER B 148 11.70 -7.28 -13.49
CA SER B 148 12.07 -6.06 -14.18
C SER B 148 12.94 -5.17 -13.32
N CYS B 149 13.08 -5.54 -12.04
CA CYS B 149 13.88 -4.76 -11.11
C CYS B 149 15.29 -4.50 -11.65
N MET B 150 15.72 -3.24 -11.63
CA MET B 150 17.05 -2.90 -12.10
C MET B 150 18.04 -3.26 -11.00
N GLY B 151 19.18 -3.79 -11.37
CA GLY B 151 20.17 -4.19 -10.38
C GLY B 151 19.81 -5.58 -9.89
N GLY B 152 18.92 -6.22 -10.61
CA GLY B 152 18.48 -7.56 -10.28
C GLY B 152 18.30 -8.35 -11.56
N MET B 153 17.19 -9.06 -11.69
CA MET B 153 16.94 -9.82 -12.91
C MET B 153 16.95 -8.88 -14.10
N ASN B 154 16.80 -7.59 -13.83
CA ASN B 154 16.81 -6.57 -14.87
C ASN B 154 16.11 -6.97 -16.16
N ARG B 155 14.78 -7.03 -16.11
CA ARG B 155 13.97 -7.38 -17.27
C ARG B 155 14.43 -8.65 -17.98
N ARG B 156 15.03 -9.58 -17.25
CA ARG B 156 15.50 -10.81 -17.88
C ARG B 156 14.76 -12.04 -17.37
N PRO B 157 14.20 -12.84 -18.30
CA PRO B 157 13.45 -14.06 -18.00
C PRO B 157 14.17 -15.04 -17.09
N ILE B 158 13.41 -15.92 -16.44
CA ILE B 158 13.96 -16.92 -15.55
C ILE B 158 13.12 -18.19 -15.55
N LEU B 159 13.72 -19.28 -15.05
CA LEU B 159 13.05 -20.57 -14.98
C LEU B 159 13.21 -21.15 -13.58
N VAL B 160 12.15 -21.72 -13.04
CA VAL B 160 12.22 -22.32 -11.71
C VAL B 160 12.42 -23.82 -11.83
N ILE B 161 13.68 -24.23 -11.80
CA ILE B 161 14.04 -25.64 -11.91
C ILE B 161 13.58 -26.45 -10.71
N ILE B 162 12.58 -27.31 -10.93
CA ILE B 162 12.04 -28.15 -9.88
C ILE B 162 12.36 -29.61 -10.19
N THR B 163 13.45 -30.11 -9.62
CA THR B 163 13.85 -31.49 -9.83
C THR B 163 13.84 -32.24 -8.52
N LEU B 164 13.12 -33.37 -8.50
CA LEU B 164 13.04 -34.18 -7.30
C LEU B 164 14.38 -34.89 -7.13
N GLU B 165 14.99 -34.71 -5.97
CA GLU B 165 16.29 -35.32 -5.67
C GLU B 165 16.31 -36.08 -4.35
N ASP B 166 16.86 -37.28 -4.37
CA ASP B 166 16.96 -38.11 -3.18
C ASP B 166 17.72 -37.36 -2.08
N SER B 167 17.64 -37.87 -0.86
CA SER B 167 18.33 -37.26 0.28
C SER B 167 19.73 -36.80 -0.07
N SER B 168 20.54 -37.69 -0.63
CA SER B 168 21.92 -37.37 -1.00
C SER B 168 21.96 -36.13 -1.87
N GLY B 169 21.04 -36.03 -2.81
CA GLY B 169 20.99 -34.89 -3.70
C GLY B 169 21.21 -35.32 -5.13
N ASN B 170 21.22 -36.63 -5.36
CA ASN B 170 21.41 -37.18 -6.70
C ASN B 170 20.16 -36.98 -7.54
N LEU B 171 20.36 -36.71 -8.82
CA LEU B 171 19.26 -36.48 -9.74
C LEU B 171 18.25 -37.63 -9.65
N LEU B 172 16.99 -37.32 -9.94
CA LEU B 172 15.92 -38.32 -9.89
C LEU B 172 14.75 -37.82 -10.76
N GLY B 173 14.61 -36.50 -10.83
CA GLY B 173 13.57 -35.89 -11.62
C GLY B 173 14.03 -34.63 -12.32
N ARG B 174 13.18 -34.05 -13.15
CA ARG B 174 13.52 -32.83 -13.86
C ARG B 174 12.29 -32.18 -14.47
N ASP B 175 11.73 -31.19 -13.76
CA ASP B 175 10.56 -30.46 -14.23
C ASP B 175 10.91 -28.98 -14.26
N SER B 176 10.15 -28.19 -15.02
CA SER B 176 10.43 -26.76 -15.09
C SER B 176 9.30 -25.94 -15.69
N PHE B 177 9.35 -24.64 -15.45
CA PHE B 177 8.36 -23.70 -15.97
C PHE B 177 8.93 -22.28 -15.83
N GLU B 178 8.64 -21.44 -16.82
CA GLU B 178 9.13 -20.06 -16.80
C GLU B 178 8.30 -19.24 -15.82
N VAL B 179 8.90 -18.14 -15.35
CA VAL B 179 8.25 -17.25 -14.39
C VAL B 179 8.42 -15.79 -14.77
N ARG B 180 7.41 -15.00 -14.48
CA ARG B 180 7.43 -13.57 -14.78
C ARG B 180 6.77 -12.82 -13.65
N VAL B 181 7.53 -12.56 -12.59
CA VAL B 181 7.02 -11.84 -11.44
C VAL B 181 6.80 -10.39 -11.86
N CYS B 182 5.55 -9.92 -11.77
CA CYS B 182 5.25 -8.55 -12.16
C CYS B 182 4.20 -7.87 -11.29
N ALA B 183 3.42 -6.98 -11.90
CA ALA B 183 2.40 -6.25 -11.18
C ALA B 183 1.02 -6.49 -11.80
N CYS B 184 0.98 -7.23 -12.90
CA CYS B 184 -0.27 -7.53 -13.58
C CYS B 184 -0.23 -8.89 -14.28
N PRO B 185 -0.18 -9.97 -13.51
CA PRO B 185 -0.14 -11.33 -14.06
C PRO B 185 -1.28 -11.60 -15.05
N GLY B 186 -2.40 -10.92 -14.86
CA GLY B 186 -3.53 -11.09 -15.75
C GLY B 186 -3.26 -10.54 -17.13
N ARG B 187 -3.23 -9.21 -17.22
CA ARG B 187 -2.98 -8.53 -18.49
C ARG B 187 -1.79 -9.16 -19.19
N ASP B 188 -0.65 -9.17 -18.50
CA ASP B 188 0.58 -9.72 -19.04
C ASP B 188 0.40 -11.10 -19.64
N ARG B 189 -0.29 -11.98 -18.93
CA ARG B 189 -0.51 -13.32 -19.43
C ARG B 189 -1.16 -13.31 -20.80
N ARG B 190 -2.26 -12.58 -20.93
CA ARG B 190 -2.98 -12.50 -22.20
C ARG B 190 -2.23 -11.75 -23.29
N THR B 191 -1.38 -10.82 -22.90
CA THR B 191 -0.62 -10.04 -23.88
C THR B 191 0.45 -10.92 -24.54
N GLU B 192 0.58 -12.15 -24.05
CA GLU B 192 1.57 -13.09 -24.60
C GLU B 192 0.86 -14.15 -25.43
N GLU B 193 -0.12 -14.81 -24.83
CA GLU B 193 -0.90 -15.84 -25.50
C GLU B 193 -1.42 -15.28 -26.82
N GLU B 194 -1.65 -13.96 -26.82
CA GLU B 194 -2.14 -13.26 -28.00
C GLU B 194 -1.15 -13.42 -29.15
N ASN B 195 0.02 -12.81 -28.99
CA ASN B 195 1.07 -12.86 -30.00
C ASN B 195 1.52 -14.31 -30.20
N LEU B 196 1.27 -15.14 -29.19
CA LEU B 196 1.62 -16.55 -29.27
C LEU B 196 0.76 -17.20 -30.34
N ARG B 197 -0.51 -17.36 -30.02
CA ARG B 197 -1.48 -17.96 -30.93
C ARG B 197 -1.59 -17.16 -32.22
N LYS B 198 -1.03 -15.96 -32.20
CA LYS B 198 -1.06 -15.08 -33.37
C LYS B 198 -0.29 -15.77 -34.50
N LYS B 199 0.70 -16.58 -34.11
CA LYS B 199 1.51 -17.31 -35.08
C LYS B 199 1.05 -18.77 -35.19
N THR B 200 1.26 -19.36 -36.36
CA THR B 200 0.87 -20.74 -36.62
C THR B 200 -0.63 -20.94 -36.39
N MET B 201 -1.43 -20.62 -37.40
CA MET B 201 -2.88 -20.77 -37.29
C MET B 201 -3.54 -20.96 -38.66
N ASP B 202 -2.76 -21.43 -39.64
CA ASP B 202 -3.28 -21.64 -40.98
C ASP B 202 -3.64 -23.10 -41.25
N GLY B 203 -4.91 -23.36 -41.51
CA GLY B 203 -5.38 -24.70 -41.78
C GLY B 203 -6.83 -24.91 -41.40
N GLU B 204 -7.19 -26.15 -41.08
CA GLU B 204 -8.56 -26.47 -40.69
C GLU B 204 -8.81 -26.09 -39.24
N TYR B 205 -9.66 -25.09 -39.03
CA TYR B 205 -10.01 -24.62 -37.69
C TYR B 205 -11.52 -24.43 -37.55
N PHE B 206 -12.16 -25.33 -36.81
CA PHE B 206 -13.60 -25.23 -36.62
C PHE B 206 -13.95 -24.05 -35.74
N THR B 207 -15.24 -23.76 -35.64
CA THR B 207 -15.72 -22.64 -34.84
C THR B 207 -16.59 -23.13 -33.70
N LEU B 208 -16.77 -22.29 -32.69
CA LEU B 208 -17.59 -22.65 -31.54
C LEU B 208 -17.91 -21.41 -30.71
N GLN B 209 -19.19 -21.07 -30.63
CA GLN B 209 -19.64 -19.91 -29.87
C GLN B 209 -20.14 -20.31 -28.49
N ILE B 210 -19.37 -19.92 -27.47
CA ILE B 210 -19.71 -20.24 -26.08
C ILE B 210 -20.30 -19.02 -25.36
N ARG B 211 -21.48 -19.20 -24.75
CA ARG B 211 -22.11 -18.11 -24.02
C ARG B 211 -21.86 -18.27 -22.52
N GLY B 212 -21.22 -17.26 -21.92
CA GLY B 212 -20.91 -17.29 -20.51
C GLY B 212 -19.43 -17.06 -20.28
N ARG B 213 -19.08 -15.83 -19.89
CA ARG B 213 -17.69 -15.47 -19.65
C ARG B 213 -16.98 -16.52 -18.80
N GLU B 214 -17.72 -17.18 -17.92
CA GLU B 214 -17.15 -18.22 -17.06
C GLU B 214 -17.08 -19.54 -17.81
N ARG B 215 -18.16 -19.87 -18.51
CA ARG B 215 -18.23 -21.10 -19.28
C ARG B 215 -17.10 -21.09 -20.31
N PHE B 216 -16.88 -19.93 -20.93
CA PHE B 216 -15.83 -19.76 -21.93
C PHE B 216 -14.48 -20.13 -21.31
N GLU B 217 -14.29 -19.72 -20.06
CA GLU B 217 -13.06 -20.02 -19.34
C GLU B 217 -13.03 -21.49 -18.96
N GLN B 218 -14.22 -22.10 -18.86
CA GLN B 218 -14.33 -23.50 -18.51
C GLN B 218 -13.95 -24.37 -19.70
N PHE B 219 -14.39 -23.98 -20.89
CA PHE B 219 -14.05 -24.72 -22.10
C PHE B 219 -12.59 -24.48 -22.46
N ARG B 220 -11.96 -23.60 -21.70
CA ARG B 220 -10.55 -23.25 -21.91
C ARG B 220 -9.68 -23.95 -20.85
N GLU B 221 -10.32 -24.34 -19.74
CA GLU B 221 -9.63 -25.01 -18.65
C GLU B 221 -9.58 -26.51 -18.95
N ARG B 222 -9.69 -26.86 -20.23
CA ARG B 222 -9.68 -28.25 -20.64
C ARG B 222 -9.20 -28.40 -22.09
N ASN B 223 -9.75 -27.59 -23.00
CA ASN B 223 -9.37 -27.65 -24.41
C ASN B 223 -7.88 -27.36 -24.55
N GLU B 224 -7.46 -26.20 -24.05
CA GLU B 224 -6.06 -25.82 -24.11
C GLU B 224 -5.26 -26.80 -23.27
N ALA B 225 -5.93 -27.43 -22.31
CA ALA B 225 -5.29 -28.40 -21.43
C ALA B 225 -4.91 -29.63 -22.25
N LEU B 226 -5.54 -29.77 -23.41
CA LEU B 226 -5.28 -30.89 -24.31
C LEU B 226 -4.36 -30.48 -25.45
N GLU B 227 -3.90 -29.23 -25.43
CA GLU B 227 -2.97 -28.76 -26.46
C GLU B 227 -1.56 -29.17 -26.07
N LEU B 228 -1.46 -29.84 -24.92
CA LEU B 228 -0.18 -30.33 -24.39
C LEU B 228 -0.29 -31.84 -24.24
N LYS B 229 -1.50 -32.36 -24.43
CA LYS B 229 -1.77 -33.78 -24.32
C LYS B 229 -2.00 -34.40 -25.69
N ASP B 230 -2.54 -33.62 -26.61
CA ASP B 230 -2.80 -34.09 -27.97
C ASP B 230 -1.66 -33.67 -28.88
N ALA B 231 -1.15 -32.46 -28.66
CA ALA B 231 -0.04 -31.93 -29.45
C ALA B 231 1.26 -32.59 -29.02
N GLN B 232 1.53 -33.75 -29.61
CA GLN B 232 2.75 -34.51 -29.31
C GLN B 232 3.67 -34.57 -30.52
N ALA B 233 3.62 -33.55 -31.36
CA ALA B 233 4.46 -33.49 -32.55
C ALA B 233 5.93 -33.59 -32.17
N THR B 234 6.26 -33.17 -30.96
CA THR B 234 7.65 -33.21 -30.48
C THR B 234 7.69 -33.42 -28.96
N SER C 1 -10.93 14.63 35.20
CA SER C 1 -12.40 14.83 35.39
C SER C 1 -12.66 16.16 36.11
N SER C 2 -11.59 16.88 36.42
CA SER C 2 -11.68 18.17 37.10
C SER C 2 -10.87 19.26 36.40
N SER C 3 -10.50 19.02 35.14
CA SER C 3 -9.72 20.00 34.38
C SER C 3 -9.56 19.64 32.91
N VAL C 4 -10.09 20.48 32.04
CA VAL C 4 -9.99 20.29 30.59
C VAL C 4 -9.13 21.42 30.01
N PRO C 5 -8.25 21.08 29.06
CA PRO C 5 -7.38 22.10 28.45
C PRO C 5 -8.14 23.16 27.67
N SER C 6 -7.92 24.41 28.04
CA SER C 6 -8.56 25.55 27.39
C SER C 6 -8.31 25.55 25.89
N GLN C 7 -9.35 25.90 25.14
CA GLN C 7 -9.24 25.96 23.69
C GLN C 7 -9.59 27.36 23.19
N LYS C 8 -9.68 28.31 24.11
CA LYS C 8 -9.99 29.68 23.72
C LYS C 8 -8.87 30.34 22.90
N THR C 9 -9.19 30.78 21.67
CA THR C 9 -8.20 31.45 20.84
C THR C 9 -7.65 32.66 21.56
N TYR C 10 -6.35 32.93 21.38
CA TYR C 10 -5.68 34.02 22.08
C TYR C 10 -4.40 34.42 21.36
N GLN C 11 -4.46 35.53 20.62
CA GLN C 11 -3.30 36.01 19.88
C GLN C 11 -2.14 36.44 20.76
N GLY C 12 -2.44 36.98 21.94
CA GLY C 12 -1.38 37.43 22.83
C GLY C 12 -0.60 38.61 22.29
N SER C 13 0.44 39.01 23.01
CA SER C 13 1.27 40.16 22.64
C SER C 13 2.08 39.97 21.37
N TYR C 14 2.20 38.75 20.89
CA TYR C 14 2.99 38.50 19.69
C TYR C 14 2.12 38.21 18.47
N GLY C 15 0.82 38.47 18.61
CA GLY C 15 -0.09 38.23 17.51
C GLY C 15 -0.04 36.82 16.95
N PHE C 16 0.17 35.84 17.82
CA PHE C 16 0.25 34.45 17.40
C PHE C 16 -1.04 33.95 16.76
N ARG C 17 -0.88 33.21 15.66
CA ARG C 17 -2.01 32.61 14.97
C ARG C 17 -1.46 31.65 13.90
N LEU C 18 -2.31 30.73 13.44
CA LEU C 18 -1.91 29.74 12.45
C LEU C 18 -2.31 30.04 11.00
N GLY C 19 -1.65 29.33 10.09
CA GLY C 19 -1.94 29.46 8.67
C GLY C 19 -1.81 28.09 8.03
N PHE C 20 -2.51 27.86 6.93
CA PHE C 20 -2.43 26.58 6.23
C PHE C 20 -2.30 26.72 4.72
N LEU C 21 -1.76 25.70 4.07
CA LEU C 21 -1.61 25.72 2.61
C LEU C 21 -2.99 25.61 1.97
N HIS C 22 -3.02 25.78 0.64
CA HIS C 22 -4.26 25.67 -0.10
C HIS C 22 -4.17 24.38 -0.90
N SER C 23 -5.17 23.53 -0.78
CA SER C 23 -5.20 22.27 -1.49
C SER C 23 -6.55 22.03 -2.15
N GLY C 24 -6.57 21.08 -3.07
CA GLY C 24 -7.80 20.74 -3.75
C GLY C 24 -8.60 19.73 -2.94
N THR C 25 -9.51 19.03 -3.59
CA THR C 25 -10.34 18.05 -2.92
C THR C 25 -10.41 16.77 -3.73
N ALA C 26 -9.43 16.60 -4.63
CA ALA C 26 -9.38 15.43 -5.48
C ALA C 26 -9.31 14.17 -4.64
N LYS C 27 -9.70 13.04 -5.24
CA LYS C 27 -9.66 11.76 -4.53
C LYS C 27 -8.22 11.28 -4.40
N SER C 28 -7.28 12.16 -4.72
CA SER C 28 -5.85 11.85 -4.64
C SER C 28 -5.10 12.68 -3.60
N VAL C 29 -5.65 13.82 -3.21
CA VAL C 29 -5.00 14.67 -2.22
C VAL C 29 -4.81 13.91 -0.91
N THR C 30 -3.63 14.07 -0.31
CA THR C 30 -3.30 13.38 0.93
C THR C 30 -3.59 14.24 2.14
N CYS C 31 -3.68 15.56 1.92
CA CYS C 31 -3.95 16.50 2.99
C CYS C 31 -4.60 17.73 2.38
N THR C 32 -5.68 18.21 3.00
CA THR C 32 -6.38 19.37 2.49
C THR C 32 -7.14 20.14 3.58
N TYR C 33 -7.01 21.46 3.57
CA TYR C 33 -7.64 22.30 4.59
C TYR C 33 -8.86 23.08 4.09
N SER C 34 -9.88 23.13 4.92
CA SER C 34 -11.11 23.84 4.60
C SER C 34 -11.27 25.10 5.46
N PRO C 35 -11.02 26.28 4.86
CA PRO C 35 -11.14 27.56 5.57
C PRO C 35 -12.59 27.78 6.01
N ALA C 36 -13.52 27.14 5.29
CA ALA C 36 -14.95 27.25 5.58
C ALA C 36 -15.31 26.62 6.93
N LEU C 37 -14.54 25.64 7.35
CA LEU C 37 -14.83 24.95 8.60
C LEU C 37 -13.65 24.98 9.54
N ASN C 38 -12.52 25.56 9.10
CA ASN C 38 -11.31 25.55 9.92
C ASN C 38 -11.10 24.10 10.38
N LYS C 39 -11.01 23.21 9.40
CA LYS C 39 -10.85 21.81 9.68
C LYS C 39 -9.94 21.17 8.64
N MET C 40 -8.98 20.40 9.12
CA MET C 40 -8.02 19.73 8.26
C MET C 40 -8.42 18.27 8.00
N PHE C 41 -8.34 17.85 6.74
CA PHE C 41 -8.65 16.48 6.35
C PHE C 41 -7.35 15.84 5.85
N VAL C 42 -6.87 14.80 6.54
CA VAL C 42 -5.62 14.18 6.14
C VAL C 42 -5.62 12.67 6.27
N GLN C 43 -4.87 12.01 5.38
CA GLN C 43 -4.78 10.56 5.44
C GLN C 43 -3.86 10.14 6.59
N LEU C 44 -4.03 8.91 7.03
CA LEU C 44 -3.26 8.36 8.12
C LEU C 44 -1.75 8.44 7.92
N ALA C 45 -1.06 8.92 8.95
CA ALA C 45 0.40 9.02 8.93
C ALA C 45 0.98 9.88 7.80
N LYS C 46 0.17 10.83 7.30
CA LYS C 46 0.61 11.73 6.24
C LYS C 46 0.89 13.13 6.81
N THR C 47 1.90 13.78 6.24
CA THR C 47 2.34 15.11 6.65
C THR C 47 1.28 16.20 6.62
N VAL C 48 1.22 16.99 7.68
CA VAL C 48 0.27 18.09 7.77
C VAL C 48 1.05 19.37 8.13
N PRO C 49 1.35 20.22 7.13
CA PRO C 49 2.09 21.44 7.45
C PRO C 49 1.21 22.52 8.07
N VAL C 50 1.65 23.05 9.22
CA VAL C 50 0.92 24.10 9.91
C VAL C 50 1.85 25.30 10.02
N GLN C 51 1.38 26.45 9.53
CA GLN C 51 2.20 27.65 9.56
C GLN C 51 1.92 28.47 10.79
N LEU C 52 2.99 28.92 11.45
CA LEU C 52 2.89 29.73 12.66
C LEU C 52 3.25 31.18 12.34
N TYR C 53 2.36 32.10 12.68
CA TYR C 53 2.59 33.52 12.43
C TYR C 53 2.75 34.32 13.71
N VAL C 54 3.58 35.35 13.64
CA VAL C 54 3.84 36.21 14.80
C VAL C 54 4.06 37.67 14.35
N ASP C 55 3.62 38.63 15.16
CA ASP C 55 3.79 40.06 14.86
C ASP C 55 5.16 40.54 15.33
N SER C 56 5.65 39.91 16.39
CA SER C 56 6.95 40.23 16.97
C SER C 56 7.54 38.95 17.55
N THR C 57 8.83 38.74 17.30
CA THR C 57 9.52 37.54 17.77
C THR C 57 9.48 37.36 19.29
N PRO C 58 9.01 36.19 19.76
CA PRO C 58 8.88 35.82 21.18
C PRO C 58 10.23 35.68 21.89
N PRO C 59 10.23 35.75 23.23
CA PRO C 59 11.46 35.63 24.01
C PRO C 59 12.21 34.31 23.79
N PRO C 60 13.51 34.26 24.16
CA PRO C 60 14.30 33.04 23.99
C PRO C 60 13.74 31.90 24.81
N GLY C 61 13.77 30.69 24.24
CA GLY C 61 13.26 29.52 24.94
C GLY C 61 11.77 29.28 24.76
N THR C 62 11.20 29.94 23.76
CA THR C 62 9.78 29.79 23.50
C THR C 62 9.56 28.46 22.78
N ARG C 63 8.54 27.73 23.20
CA ARG C 63 8.24 26.45 22.62
C ARG C 63 6.82 26.45 22.08
N VAL C 64 6.53 25.49 21.18
CA VAL C 64 5.22 25.34 20.58
C VAL C 64 4.76 23.93 20.94
N ARG C 65 3.53 23.81 21.42
CA ARG C 65 2.99 22.52 21.84
C ARG C 65 1.72 22.17 21.12
N ALA C 66 1.61 20.92 20.70
CA ALA C 66 0.42 20.45 20.02
C ALA C 66 -0.25 19.43 20.91
N MET C 67 -1.55 19.57 21.08
CA MET C 67 -2.33 18.66 21.90
C MET C 67 -3.73 18.51 21.33
N ALA C 68 -4.25 17.29 21.34
CA ALA C 68 -5.57 17.03 20.81
C ALA C 68 -6.60 16.66 21.89
N ILE C 69 -7.82 17.18 21.76
CA ILE C 69 -8.89 16.88 22.70
C ILE C 69 -10.12 16.58 21.86
N TYR C 70 -11.12 15.94 22.47
CA TYR C 70 -12.35 15.65 21.75
C TYR C 70 -13.19 16.93 21.67
N LYS C 71 -13.82 17.14 20.52
CA LYS C 71 -14.64 18.31 20.26
C LYS C 71 -15.96 18.28 21.04
N GLN C 72 -16.70 17.18 20.93
CA GLN C 72 -17.97 17.03 21.63
C GLN C 72 -17.82 17.06 23.15
N SER C 73 -18.61 17.90 23.81
CA SER C 73 -18.54 18.06 25.25
C SER C 73 -18.69 16.79 26.06
N GLN C 74 -19.44 15.82 25.55
CA GLN C 74 -19.64 14.58 26.30
C GLN C 74 -18.42 13.69 26.32
N HIS C 75 -17.40 14.05 25.55
CA HIS C 75 -16.18 13.27 25.47
C HIS C 75 -14.96 14.10 25.83
N MET C 76 -15.17 15.41 26.00
CA MET C 76 -14.08 16.33 26.32
C MET C 76 -13.08 15.91 27.40
N THR C 77 -13.54 15.19 28.41
CA THR C 77 -12.63 14.79 29.47
C THR C 77 -11.89 13.53 29.13
N GLU C 78 -12.14 12.95 27.96
CA GLU C 78 -11.45 11.72 27.59
C GLU C 78 -10.14 11.96 26.83
N VAL C 79 -9.05 11.44 27.38
CA VAL C 79 -7.74 11.60 26.76
C VAL C 79 -7.71 10.96 25.38
N VAL C 80 -7.21 11.70 24.40
CA VAL C 80 -7.13 11.20 23.04
C VAL C 80 -5.84 10.42 22.89
N ARG C 81 -5.95 9.17 22.44
CA ARG C 81 -4.76 8.32 22.26
C ARG C 81 -4.92 7.34 21.10
N ARG C 82 -3.81 6.70 20.72
CA ARG C 82 -3.86 5.70 19.65
C ARG C 82 -4.68 4.45 20.03
N CYS C 83 -5.20 3.76 19.03
CA CYS C 83 -6.02 2.58 19.28
C CYS C 83 -5.16 1.34 19.58
N PRO C 84 -5.75 0.33 20.22
CA PRO C 84 -5.04 -0.92 20.56
C PRO C 84 -4.23 -1.47 19.39
N HIS C 85 -4.81 -1.45 18.21
CA HIS C 85 -4.15 -1.95 17.01
C HIS C 85 -2.88 -1.18 16.66
N HIS C 86 -3.06 0.04 16.17
CA HIS C 86 -1.94 0.88 15.77
C HIS C 86 -0.93 1.15 16.87
N GLU C 87 -1.37 1.06 18.12
CA GLU C 87 -0.47 1.28 19.25
C GLU C 87 0.55 0.15 19.27
N ARG C 88 0.10 -1.06 18.97
CA ARG C 88 0.95 -2.23 18.95
C ARG C 88 1.76 -2.29 17.66
N SER C 89 2.38 -1.17 17.32
CA SER C 89 3.20 -1.07 16.12
C SER C 89 4.20 0.07 16.26
N SER C 90 5.49 -0.27 16.27
CA SER C 90 6.55 0.70 16.42
C SER C 90 6.98 1.27 15.06
N ASP C 91 7.46 2.51 15.07
CA ASP C 91 7.90 3.15 13.84
C ASP C 91 9.33 3.64 13.90
N SER C 92 9.90 3.90 12.71
CA SER C 92 11.27 4.39 12.57
C SER C 92 11.59 5.44 13.63
N ASP C 93 10.56 6.21 13.99
CA ASP C 93 10.70 7.26 14.99
C ASP C 93 10.87 6.64 16.37
N GLY C 94 12.08 6.73 16.91
CA GLY C 94 12.35 6.18 18.23
C GLY C 94 12.14 7.24 19.29
N LEU C 95 11.55 8.37 18.89
CA LEU C 95 11.30 9.48 19.81
C LEU C 95 9.90 9.47 20.40
N ALA C 96 8.90 9.35 19.54
CA ALA C 96 7.51 9.37 19.99
C ALA C 96 7.00 8.07 20.57
N PRO C 97 6.40 8.14 21.76
CA PRO C 97 5.87 6.92 22.38
C PRO C 97 4.82 6.31 21.46
N PRO C 98 4.74 4.98 21.41
CA PRO C 98 3.75 4.31 20.54
C PRO C 98 2.30 4.68 20.84
N GLN C 99 2.04 5.35 21.97
CA GLN C 99 0.66 5.69 22.28
C GLN C 99 0.23 7.09 21.81
N HIS C 100 1.19 7.93 21.48
CA HIS C 100 0.84 9.28 21.04
C HIS C 100 0.22 9.33 19.66
N LEU C 101 -0.83 10.13 19.52
CA LEU C 101 -1.53 10.29 18.24
C LEU C 101 -0.80 11.26 17.33
N ILE C 102 -0.28 12.35 17.91
CA ILE C 102 0.40 13.38 17.12
C ILE C 102 1.90 13.28 17.18
N ARG C 103 2.55 13.29 16.02
CA ARG C 103 4.00 13.29 15.96
C ARG C 103 4.44 14.52 15.18
N VAL C 104 5.69 14.92 15.40
CA VAL C 104 6.26 16.05 14.68
C VAL C 104 7.31 15.40 13.79
N GLU C 105 7.39 15.81 12.53
CA GLU C 105 8.37 15.23 11.63
C GLU C 105 9.63 16.08 11.49
N GLY C 106 10.73 15.42 11.17
CA GLY C 106 12.01 16.09 10.97
C GLY C 106 12.44 17.11 12.00
N ASN C 107 12.36 16.76 13.29
CA ASN C 107 12.82 17.65 14.36
C ASN C 107 13.25 16.81 15.58
N LEU C 108 14.55 16.64 15.75
CA LEU C 108 15.02 15.84 16.87
C LEU C 108 14.97 16.56 18.20
N ARG C 109 14.56 17.83 18.19
CA ARG C 109 14.46 18.58 19.44
C ARG C 109 13.06 18.45 20.00
N ALA C 110 12.20 17.74 19.26
CA ALA C 110 10.84 17.53 19.71
C ALA C 110 10.86 16.74 21.02
N GLU C 111 9.84 16.96 21.85
CA GLU C 111 9.75 16.28 23.14
C GLU C 111 8.29 15.87 23.40
N TYR C 112 8.09 14.60 23.72
CA TYR C 112 6.75 14.07 23.95
C TYR C 112 6.44 13.97 25.42
N LEU C 113 5.32 14.57 25.83
CA LEU C 113 4.93 14.58 27.22
C LEU C 113 3.67 13.80 27.52
N ASP C 114 3.67 13.19 28.72
CA ASP C 114 2.54 12.45 29.25
C ASP C 114 2.33 13.22 30.56
N ASP C 115 1.25 13.98 30.65
CA ASP C 115 1.00 14.73 31.87
C ASP C 115 0.74 13.78 33.05
N PRO C 116 1.53 13.92 34.12
CA PRO C 116 1.41 13.09 35.31
C PRO C 116 0.08 13.26 36.07
N ASN C 117 -0.60 14.38 35.84
CA ASN C 117 -1.88 14.62 36.49
C ASN C 117 -3.05 14.41 35.55
N THR C 118 -3.04 15.11 34.42
CA THR C 118 -4.12 15.02 33.45
C THR C 118 -4.02 13.81 32.54
N PHE C 119 -2.84 13.19 32.46
CA PHE C 119 -2.62 12.02 31.60
C PHE C 119 -2.74 12.34 30.11
N ARG C 120 -2.75 13.63 29.76
CA ARG C 120 -2.88 14.03 28.37
C ARG C 120 -1.54 14.00 27.65
N HIS C 121 -1.56 13.58 26.40
CA HIS C 121 -0.34 13.50 25.60
C HIS C 121 -0.14 14.82 24.86
N SER C 122 1.10 15.12 24.51
CA SER C 122 1.38 16.35 23.79
C SER C 122 2.83 16.34 23.33
N VAL C 123 3.10 17.03 22.23
CA VAL C 123 4.47 17.08 21.73
C VAL C 123 4.85 18.55 21.65
N VAL C 124 6.07 18.87 22.05
CA VAL C 124 6.55 20.24 22.08
C VAL C 124 7.84 20.38 21.29
N VAL C 125 8.03 21.56 20.70
CA VAL C 125 9.23 21.86 19.93
C VAL C 125 9.63 23.30 20.16
N PRO C 126 10.91 23.62 19.94
CA PRO C 126 11.41 24.99 20.13
C PRO C 126 10.81 25.91 19.06
N TYR C 127 10.51 27.14 19.43
CA TYR C 127 9.99 28.07 18.44
C TYR C 127 11.19 28.59 17.64
N GLU C 128 11.10 28.51 16.31
CA GLU C 128 12.17 29.00 15.47
C GLU C 128 11.64 30.14 14.63
N PRO C 129 12.45 31.21 14.47
CA PRO C 129 12.07 32.39 13.68
C PRO C 129 11.95 32.04 12.22
N PRO C 130 11.20 32.85 11.46
CA PRO C 130 11.02 32.60 10.03
C PRO C 130 12.33 32.76 9.27
N GLU C 131 12.48 32.00 8.19
CA GLU C 131 13.68 32.07 7.36
C GLU C 131 13.77 33.48 6.78
N VAL C 132 14.98 33.93 6.48
CA VAL C 132 15.17 35.27 5.90
C VAL C 132 14.37 35.40 4.61
N GLY C 133 13.43 36.34 4.57
CA GLY C 133 12.60 36.53 3.39
C GLY C 133 11.26 35.84 3.56
N SER C 134 10.98 35.35 4.77
CA SER C 134 9.73 34.67 5.05
C SER C 134 8.96 35.44 6.13
N ASP C 135 7.68 35.15 6.26
CA ASP C 135 6.86 35.84 7.25
C ASP C 135 6.37 34.86 8.31
N TYR C 136 6.51 33.58 8.05
CA TYR C 136 6.02 32.57 8.98
C TYR C 136 6.93 31.35 9.06
N THR C 137 6.77 30.57 10.13
CA THR C 137 7.52 29.34 10.33
C THR C 137 6.52 28.22 10.11
N THR C 138 6.98 27.04 9.74
CA THR C 138 6.04 25.94 9.56
C THR C 138 6.50 24.62 10.18
N ILE C 139 5.59 23.97 10.90
CA ILE C 139 5.87 22.69 11.55
C ILE C 139 5.12 21.59 10.78
N TYR C 140 5.74 20.42 10.69
CA TYR C 140 5.14 19.29 9.98
C TYR C 140 4.65 18.18 10.91
N PHE C 141 3.34 18.07 11.06
CA PHE C 141 2.74 17.05 11.90
C PHE C 141 2.31 15.76 11.18
N LYS C 142 1.92 14.77 11.97
CA LYS C 142 1.43 13.50 11.46
C LYS C 142 0.45 12.97 12.51
N PHE C 143 -0.64 12.37 12.03
CA PHE C 143 -1.67 11.80 12.90
C PHE C 143 -1.71 10.30 12.64
N MET C 144 -1.28 9.54 13.64
CA MET C 144 -1.17 8.08 13.57
C MET C 144 -2.42 7.23 13.73
N CYS C 145 -3.61 7.80 13.55
CA CYS C 145 -4.84 7.02 13.66
C CYS C 145 -5.92 7.66 12.83
N ASN C 146 -6.90 6.84 12.43
CA ASN C 146 -8.03 7.30 11.64
C ASN C 146 -9.09 7.68 12.66
N SER C 147 -9.69 8.86 12.49
CA SER C 147 -10.72 9.28 13.42
C SER C 147 -11.71 8.15 13.72
N SER C 148 -11.80 7.17 12.82
CA SER C 148 -12.75 6.08 12.98
C SER C 148 -12.22 4.84 13.69
N CYS C 149 -10.91 4.76 13.88
CA CYS C 149 -10.30 3.60 14.53
C CYS C 149 -11.06 3.16 15.78
N MET C 150 -11.56 1.93 15.77
CA MET C 150 -12.30 1.43 16.92
C MET C 150 -11.32 1.23 18.07
N GLY C 151 -11.77 1.53 19.27
CA GLY C 151 -10.92 1.39 20.43
C GLY C 151 -10.09 2.63 20.63
N GLY C 152 -10.12 3.52 19.64
CA GLY C 152 -9.38 4.77 19.71
C GLY C 152 -10.32 5.96 19.68
N MET C 153 -10.18 6.79 18.65
CA MET C 153 -11.04 7.96 18.55
C MET C 153 -12.47 7.51 18.29
N ASN C 154 -12.60 6.29 17.79
CA ASN C 154 -13.91 5.70 17.53
C ASN C 154 -14.93 6.62 16.89
N ARG C 155 -14.58 7.19 15.74
CA ARG C 155 -15.49 8.08 15.02
C ARG C 155 -15.79 9.39 15.74
N ARG C 156 -15.03 9.70 16.78
CA ARG C 156 -15.27 10.96 17.48
C ARG C 156 -14.37 12.11 16.98
N PRO C 157 -14.97 13.23 16.56
CA PRO C 157 -14.23 14.39 16.06
C PRO C 157 -13.26 14.93 17.09
N ILE C 158 -12.08 15.34 16.66
CA ILE C 158 -11.09 15.90 17.57
C ILE C 158 -10.71 17.32 17.16
N LEU C 159 -10.16 18.04 18.12
CA LEU C 159 -9.72 19.40 17.93
C LEU C 159 -8.23 19.44 18.28
N VAL C 160 -7.43 20.12 17.49
CA VAL C 160 -6.01 20.22 17.80
C VAL C 160 -5.70 21.63 18.33
N ILE C 161 -5.07 21.68 19.51
CA ILE C 161 -4.71 22.94 20.14
C ILE C 161 -3.20 23.21 20.01
N ILE C 162 -2.84 24.36 19.46
CA ILE C 162 -1.44 24.73 19.33
C ILE C 162 -1.18 25.90 20.28
N THR C 163 -0.35 25.70 21.32
CA THR C 163 -0.05 26.80 22.24
C THR C 163 1.39 27.23 22.12
N LEU C 164 1.63 28.52 22.39
CA LEU C 164 2.95 29.11 22.34
C LEU C 164 3.24 29.43 23.79
N GLU C 165 4.33 28.89 24.32
CA GLU C 165 4.67 29.14 25.71
C GLU C 165 6.15 29.49 25.90
N ASP C 166 6.48 30.02 27.08
CA ASP C 166 7.86 30.40 27.39
C ASP C 166 8.61 29.30 28.13
N SER C 167 9.91 29.51 28.34
CA SER C 167 10.76 28.56 29.04
C SER C 167 10.10 28.02 30.30
N SER C 168 9.36 28.87 31.00
CA SER C 168 8.68 28.47 32.22
C SER C 168 7.42 27.65 31.92
N GLY C 169 6.93 27.72 30.70
CA GLY C 169 5.73 26.97 30.35
C GLY C 169 4.48 27.83 30.44
N ASN C 170 4.67 29.14 30.52
CA ASN C 170 3.55 30.06 30.61
C ASN C 170 2.96 30.33 29.23
N LEU C 171 1.64 30.44 29.20
CA LEU C 171 0.91 30.69 27.96
C LEU C 171 1.21 32.05 27.34
N LEU C 172 1.57 32.06 26.07
CA LEU C 172 1.88 33.30 25.35
C LEU C 172 0.91 33.52 24.19
N GLY C 173 0.33 32.44 23.68
CA GLY C 173 -0.60 32.54 22.58
C GLY C 173 -1.26 31.20 22.31
N ARG C 174 -2.40 31.20 21.62
CA ARG C 174 -3.09 29.95 21.34
C ARG C 174 -4.03 30.05 20.16
N ASP C 175 -4.05 28.99 19.35
CA ASP C 175 -4.92 28.94 18.19
C ASP C 175 -5.33 27.48 18.10
N SER C 176 -6.20 27.13 17.16
CA SER C 176 -6.65 25.75 17.03
C SER C 176 -7.40 25.46 15.75
N PHE C 177 -7.56 24.17 15.45
CA PHE C 177 -8.29 23.74 14.27
C PHE C 177 -8.78 22.32 14.45
N GLU C 178 -9.88 22.00 13.79
CA GLU C 178 -10.44 20.66 13.86
C GLU C 178 -9.67 19.74 12.92
N VAL C 179 -9.66 18.44 13.22
CA VAL C 179 -8.99 17.49 12.37
C VAL C 179 -9.81 16.22 12.15
N ARG C 180 -9.65 15.65 10.96
CA ARG C 180 -10.32 14.40 10.62
C ARG C 180 -9.30 13.62 9.83
N VAL C 181 -8.90 12.47 10.36
CA VAL C 181 -7.95 11.65 9.63
C VAL C 181 -8.82 10.60 8.94
N CYS C 182 -8.72 10.51 7.61
CA CYS C 182 -9.52 9.54 6.87
C CYS C 182 -8.85 9.01 5.59
N ALA C 183 -9.49 8.01 4.99
CA ALA C 183 -8.97 7.36 3.79
C ALA C 183 -8.99 8.23 2.54
N CYS C 184 -9.95 9.15 2.47
CA CYS C 184 -10.06 10.05 1.32
C CYS C 184 -10.48 11.44 1.79
N PRO C 185 -9.50 12.30 2.06
CA PRO C 185 -9.82 13.65 2.52
C PRO C 185 -10.61 14.42 1.48
N GLY C 186 -10.21 14.29 0.23
CA GLY C 186 -10.91 15.01 -0.84
C GLY C 186 -12.41 14.79 -0.78
N ARG C 187 -12.81 13.53 -0.83
CA ARG C 187 -14.21 13.17 -0.76
C ARG C 187 -14.86 13.74 0.48
N ASP C 188 -14.40 13.29 1.64
CA ASP C 188 -14.96 13.73 2.92
C ASP C 188 -15.04 15.25 3.01
N ARG C 189 -14.03 15.95 2.52
CA ARG C 189 -14.06 17.40 2.58
C ARG C 189 -15.20 17.97 1.76
N ARG C 190 -15.35 17.50 0.52
CA ARG C 190 -16.42 18.00 -0.35
C ARG C 190 -17.79 17.78 0.26
N THR C 191 -17.96 16.62 0.90
CA THR C 191 -19.22 16.28 1.54
C THR C 191 -19.61 17.27 2.63
N GLU C 192 -18.70 17.56 3.54
CA GLU C 192 -18.99 18.48 4.63
C GLU C 192 -19.27 19.90 4.19
N GLU C 193 -18.45 20.44 3.30
CA GLU C 193 -18.67 21.79 2.82
C GLU C 193 -20.00 21.85 2.07
N GLU C 194 -20.40 20.72 1.51
CA GLU C 194 -21.65 20.64 0.77
C GLU C 194 -22.85 20.68 1.70
N ASN C 195 -22.71 20.10 2.90
CA ASN C 195 -23.80 20.10 3.86
C ASN C 195 -23.88 21.46 4.54
N LEU C 196 -22.75 22.14 4.62
CA LEU C 196 -22.70 23.46 5.25
C LEU C 196 -23.33 24.54 4.36
N ARG C 197 -23.10 24.44 3.05
CA ARG C 197 -23.64 25.43 2.11
C ARG C 197 -25.16 25.46 2.16
N LYS C 198 -25.76 24.28 2.09
CA LYS C 198 -27.21 24.19 2.13
C LYS C 198 -27.72 24.36 3.55
N LYS C 199 -27.38 25.49 4.17
CA LYS C 199 -27.81 25.81 5.53
C LYS C 199 -27.82 27.32 5.71
N THR C 200 -26.64 27.92 5.83
CA THR C 200 -26.52 29.37 6.01
C THR C 200 -26.79 30.08 4.69
N MET C 201 -27.93 29.80 4.09
CA MET C 201 -28.32 30.41 2.81
C MET C 201 -29.57 31.27 3.03
N ASP C 202 -29.37 32.56 3.32
CA ASP C 202 -30.48 33.47 3.56
C ASP C 202 -30.07 34.95 3.55
N GLY C 203 -30.75 35.74 2.73
CA GLY C 203 -30.45 37.16 2.64
C GLY C 203 -30.23 37.66 1.23
N GLU C 204 -29.54 38.79 1.10
CA GLU C 204 -29.24 39.39 -0.19
C GLU C 204 -27.82 39.03 -0.65
N TYR C 205 -27.73 38.27 -1.73
CA TYR C 205 -26.43 37.87 -2.27
C TYR C 205 -26.20 38.36 -3.70
N PHE C 206 -25.02 38.90 -3.95
CA PHE C 206 -24.65 39.36 -5.27
C PHE C 206 -24.10 38.16 -6.04
N THR C 207 -24.26 38.16 -7.37
CA THR C 207 -23.80 37.03 -8.16
C THR C 207 -22.60 37.33 -9.07
N LEU C 208 -21.57 36.50 -8.98
CA LEU C 208 -20.37 36.66 -9.78
C LEU C 208 -20.13 35.38 -10.57
N GLN C 209 -19.98 35.51 -11.89
CA GLN C 209 -19.77 34.35 -12.74
C GLN C 209 -18.28 34.16 -13.00
N ILE C 210 -17.77 32.96 -12.73
CA ILE C 210 -16.34 32.68 -12.87
C ILE C 210 -16.03 31.59 -13.90
N ARG C 211 -14.95 31.78 -14.64
CA ARG C 211 -14.51 30.82 -15.65
C ARG C 211 -13.40 29.91 -15.10
N GLY C 212 -13.59 28.60 -15.24
CA GLY C 212 -12.61 27.63 -14.75
C GLY C 212 -12.91 27.09 -13.37
N ARG C 213 -12.78 25.77 -13.20
CA ARG C 213 -13.04 25.13 -11.92
C ARG C 213 -12.02 25.45 -10.82
N GLU C 214 -10.76 25.54 -11.18
CA GLU C 214 -9.73 25.84 -10.19
C GLU C 214 -9.86 27.26 -9.69
N ARG C 215 -10.02 28.21 -10.60
CA ARG C 215 -10.18 29.62 -10.22
C ARG C 215 -11.44 29.80 -9.37
N PHE C 216 -12.50 29.08 -9.71
CA PHE C 216 -13.75 29.16 -8.99
C PHE C 216 -13.60 28.68 -7.55
N GLU C 217 -12.96 27.53 -7.38
CA GLU C 217 -12.77 26.95 -6.06
C GLU C 217 -11.89 27.82 -5.16
N GLN C 218 -11.03 28.62 -5.75
CA GLN C 218 -10.19 29.51 -4.97
C GLN C 218 -11.07 30.66 -4.51
N PHE C 219 -11.79 31.25 -5.45
CA PHE C 219 -12.69 32.36 -5.13
C PHE C 219 -13.70 31.91 -4.08
N ARG C 220 -14.24 30.70 -4.24
CA ARG C 220 -15.20 30.20 -3.29
C ARG C 220 -14.56 29.96 -1.91
N GLU C 221 -13.29 29.60 -1.92
CA GLU C 221 -12.57 29.32 -0.69
C GLU C 221 -12.36 30.62 0.09
N ARG C 222 -11.89 31.65 -0.60
CA ARG C 222 -11.67 32.94 0.04
C ARG C 222 -12.99 33.52 0.52
N ASN C 223 -14.06 33.20 -0.19
CA ASN C 223 -15.39 33.70 0.14
C ASN C 223 -15.95 33.07 1.41
N GLU C 224 -15.90 31.75 1.49
CA GLU C 224 -16.40 31.04 2.66
C GLU C 224 -15.60 31.37 3.93
N ALA C 225 -14.33 31.71 3.76
CA ALA C 225 -13.50 32.08 4.90
C ALA C 225 -14.02 33.41 5.44
N LEU C 226 -14.29 34.36 4.54
CA LEU C 226 -14.81 35.65 4.96
C LEU C 226 -16.17 35.52 5.62
N GLU C 227 -16.95 34.56 5.17
CA GLU C 227 -18.27 34.36 5.76
C GLU C 227 -18.14 33.73 7.14
N LEU C 228 -16.92 33.32 7.46
CA LEU C 228 -16.66 32.71 8.76
C LEU C 228 -16.28 33.81 9.75
N LYS C 229 -15.45 34.74 9.29
CA LYS C 229 -15.03 35.85 10.12
C LYS C 229 -16.26 36.59 10.64
N ASP C 230 -17.36 36.51 9.88
CA ASP C 230 -18.59 37.18 10.28
C ASP C 230 -19.46 36.26 11.12
N ALA C 231 -19.34 34.96 10.89
CA ALA C 231 -20.12 33.96 11.62
C ALA C 231 -20.05 34.19 13.13
N GLN C 232 -18.96 34.80 13.57
CA GLN C 232 -18.75 35.10 14.99
C GLN C 232 -18.05 36.44 15.16
N ALA C 233 -18.77 37.52 14.85
CA ALA C 233 -18.24 38.87 14.95
C ALA C 233 -18.80 39.61 16.16
N THR C 234 -20.06 39.32 16.48
CA THR C 234 -20.72 39.94 17.63
C THR C 234 -20.17 39.38 18.94
N SER D 1 5.13 -17.31 11.63
CA SER D 1 4.34 -18.11 10.65
C SER D 1 4.03 -19.50 11.24
N SER D 2 3.09 -20.21 10.61
CA SER D 2 2.73 -21.55 11.08
C SER D 2 2.22 -22.43 9.93
N SER D 3 2.58 -23.72 9.96
CA SER D 3 2.16 -24.65 8.92
C SER D 3 0.65 -24.60 8.79
N VAL D 4 0.13 -25.08 7.67
CA VAL D 4 -1.30 -25.09 7.44
C VAL D 4 -1.97 -26.44 7.72
N PRO D 5 -2.90 -26.47 8.67
CA PRO D 5 -3.59 -27.73 8.98
C PRO D 5 -4.44 -28.13 7.79
N SER D 6 -4.57 -29.43 7.57
CA SER D 6 -5.36 -29.95 6.45
C SER D 6 -6.79 -29.49 6.51
N GLN D 7 -7.38 -29.24 5.34
CA GLN D 7 -8.76 -28.81 5.27
C GLN D 7 -9.53 -29.75 4.34
N LYS D 8 -8.97 -30.92 4.07
CA LYS D 8 -9.62 -31.86 3.17
C LYS D 8 -10.71 -32.68 3.87
N THR D 9 -11.88 -32.77 3.25
CA THR D 9 -12.98 -33.52 3.81
C THR D 9 -12.60 -34.98 3.92
N TYR D 10 -12.97 -35.60 5.03
CA TYR D 10 -12.66 -37.00 5.30
C TYR D 10 -13.71 -37.57 6.23
N GLN D 11 -14.68 -38.31 5.67
CA GLN D 11 -15.74 -38.89 6.48
C GLN D 11 -15.28 -39.99 7.41
N GLY D 12 -14.16 -40.62 7.07
CA GLY D 12 -13.62 -41.66 7.94
C GLY D 12 -14.53 -42.84 8.19
N SER D 13 -14.12 -43.71 9.12
CA SER D 13 -14.86 -44.92 9.45
C SER D 13 -16.27 -44.70 9.95
N TYR D 14 -16.55 -43.48 10.41
CA TYR D 14 -17.87 -43.20 10.98
C TYR D 14 -18.75 -42.32 10.10
N GLY D 15 -18.29 -42.03 8.90
CA GLY D 15 -19.06 -41.20 7.99
C GLY D 15 -19.43 -39.89 8.65
N PHE D 16 -18.40 -39.19 9.11
CA PHE D 16 -18.56 -37.93 9.79
C PHE D 16 -18.83 -36.81 8.80
N ARG D 17 -19.81 -35.96 9.13
CA ARG D 17 -20.14 -34.82 8.28
C ARG D 17 -20.96 -33.80 9.05
N LEU D 18 -21.06 -32.59 8.52
CA LEU D 18 -21.79 -31.52 9.18
C LEU D 18 -23.13 -31.19 8.54
N GLY D 19 -23.99 -30.53 9.31
CA GLY D 19 -25.30 -30.12 8.85
C GLY D 19 -25.62 -28.78 9.46
N PHE D 20 -26.44 -27.98 8.78
CA PHE D 20 -26.80 -26.67 9.28
C PHE D 20 -28.30 -26.43 9.16
N LEU D 21 -29.08 -27.30 9.77
CA LEU D 21 -30.54 -27.18 9.74
C LEU D 21 -31.12 -26.92 11.13
N HIS D 22 -31.14 -25.66 11.54
CA HIS D 22 -31.67 -25.27 12.83
C HIS D 22 -32.68 -24.12 12.63
N SER D 23 -33.94 -24.40 12.96
CA SER D 23 -35.02 -23.42 12.81
C SER D 23 -34.74 -22.06 13.45
N GLY D 24 -35.55 -21.07 13.08
CA GLY D 24 -35.41 -19.74 13.63
C GLY D 24 -36.10 -19.66 14.98
N THR D 25 -37.26 -20.31 15.07
CA THR D 25 -38.02 -20.35 16.32
C THR D 25 -37.15 -21.02 17.37
N ALA D 26 -37.40 -20.71 18.65
CA ALA D 26 -36.62 -21.27 19.75
C ALA D 26 -35.18 -20.79 19.60
N LYS D 27 -34.77 -19.85 20.44
CA LYS D 27 -33.42 -19.29 20.39
C LYS D 27 -33.27 -18.59 19.04
N SER D 28 -34.18 -17.65 18.77
CA SER D 28 -34.19 -16.89 17.53
C SER D 28 -32.80 -16.41 17.10
N VAL D 29 -32.15 -17.21 16.25
CA VAL D 29 -30.82 -16.90 15.76
C VAL D 29 -30.80 -15.78 14.72
N THR D 30 -29.72 -15.02 14.71
CA THR D 30 -29.56 -13.92 13.77
C THR D 30 -28.60 -14.30 12.66
N CYS D 31 -28.21 -15.58 12.62
CA CYS D 31 -27.31 -16.06 11.61
C CYS D 31 -28.08 -16.81 10.52
N THR D 32 -27.42 -17.07 9.40
CA THR D 32 -28.05 -17.78 8.29
C THR D 32 -27.00 -18.52 7.47
N TYR D 33 -27.36 -19.70 6.99
CA TYR D 33 -26.45 -20.53 6.21
C TYR D 33 -26.83 -20.62 4.73
N SER D 34 -25.84 -20.55 3.85
CA SER D 34 -26.07 -20.63 2.42
C SER D 34 -25.46 -21.90 1.82
N PRO D 35 -26.30 -22.90 1.53
CA PRO D 35 -25.83 -24.16 0.94
C PRO D 35 -25.15 -23.96 -0.42
N ALA D 36 -25.48 -22.86 -1.08
CA ALA D 36 -24.92 -22.55 -2.39
C ALA D 36 -23.46 -22.08 -2.29
N LEU D 37 -23.01 -21.85 -1.05
CA LEU D 37 -21.66 -21.40 -0.81
C LEU D 37 -21.01 -22.18 0.34
N ASN D 38 -21.83 -22.92 1.09
CA ASN D 38 -21.35 -23.67 2.24
C ASN D 38 -20.66 -22.65 3.13
N LYS D 39 -21.34 -21.53 3.35
CA LYS D 39 -20.81 -20.44 4.15
C LYS D 39 -21.88 -19.95 5.11
N MET D 40 -21.49 -19.75 6.35
CA MET D 40 -22.40 -19.28 7.39
C MET D 40 -22.23 -17.78 7.63
N PHE D 41 -23.35 -17.05 7.72
CA PHE D 41 -23.31 -15.62 7.98
C PHE D 41 -23.87 -15.35 9.39
N VAL D 42 -23.01 -14.89 10.29
CA VAL D 42 -23.44 -14.63 11.66
C VAL D 42 -22.91 -13.31 12.21
N GLN D 43 -23.48 -12.86 13.32
CA GLN D 43 -23.07 -11.62 13.94
C GLN D 43 -22.09 -11.91 15.05
N LEU D 44 -21.28 -10.91 15.38
CA LEU D 44 -20.29 -11.03 16.44
C LEU D 44 -20.91 -11.50 17.75
N ALA D 45 -20.29 -12.51 18.36
CA ALA D 45 -20.71 -13.07 19.64
C ALA D 45 -22.13 -13.63 19.71
N LYS D 46 -22.68 -14.08 18.59
CA LYS D 46 -24.02 -14.63 18.58
C LYS D 46 -23.98 -16.13 18.27
N THR D 47 -24.82 -16.88 18.96
CA THR D 47 -24.88 -18.33 18.81
C THR D 47 -24.99 -18.83 17.39
N VAL D 48 -24.21 -19.87 17.09
CA VAL D 48 -24.18 -20.50 15.78
C VAL D 48 -24.27 -22.01 16.01
N PRO D 49 -25.46 -22.59 15.76
CA PRO D 49 -25.65 -24.04 15.95
C PRO D 49 -25.16 -24.83 14.75
N VAL D 50 -24.43 -25.91 15.01
CA VAL D 50 -23.92 -26.76 13.94
C VAL D 50 -24.27 -28.20 14.26
N GLN D 51 -24.70 -28.96 13.26
CA GLN D 51 -25.07 -30.36 13.46
C GLN D 51 -23.96 -31.36 13.13
N LEU D 52 -23.76 -32.32 14.02
CA LEU D 52 -22.76 -33.37 13.82
C LEU D 52 -23.43 -34.69 13.45
N TYR D 53 -23.11 -35.21 12.28
CA TYR D 53 -23.70 -36.47 11.83
C TYR D 53 -22.67 -37.60 11.79
N VAL D 54 -23.06 -38.76 12.26
CA VAL D 54 -22.17 -39.92 12.26
C VAL D 54 -23.03 -41.18 12.01
N ASP D 55 -22.48 -42.14 11.27
CA ASP D 55 -23.20 -43.37 10.95
C ASP D 55 -23.30 -44.31 12.14
N SER D 56 -22.18 -44.54 12.81
CA SER D 56 -22.15 -45.42 13.97
C SER D 56 -21.52 -44.71 15.16
N THR D 57 -21.94 -45.10 16.36
CA THR D 57 -21.43 -44.50 17.58
C THR D 57 -19.92 -44.63 17.74
N PRO D 58 -19.21 -43.48 17.85
CA PRO D 58 -17.74 -43.40 18.01
C PRO D 58 -17.26 -43.99 19.33
N PRO D 59 -15.97 -44.36 19.40
CA PRO D 59 -15.38 -44.94 20.61
C PRO D 59 -15.26 -43.96 21.78
N PRO D 60 -15.11 -44.48 23.00
CA PRO D 60 -14.98 -43.66 24.21
C PRO D 60 -13.78 -42.74 24.16
N GLY D 61 -13.99 -41.49 24.54
CA GLY D 61 -12.90 -40.53 24.56
C GLY D 61 -12.80 -39.67 23.31
N THR D 62 -13.69 -39.89 22.36
CA THR D 62 -13.67 -39.13 21.12
C THR D 62 -14.01 -37.67 21.42
N ARG D 63 -13.30 -36.76 20.76
CA ARG D 63 -13.57 -35.35 20.95
C ARG D 63 -13.87 -34.64 19.63
N VAL D 64 -14.25 -33.38 19.72
CA VAL D 64 -14.56 -32.59 18.54
C VAL D 64 -13.83 -31.27 18.69
N ARG D 65 -12.95 -30.99 17.74
CA ARG D 65 -12.15 -29.77 17.77
C ARG D 65 -12.60 -28.79 16.70
N ALA D 66 -12.46 -27.49 16.99
CA ALA D 66 -12.82 -26.45 16.03
C ALA D 66 -11.62 -25.53 15.82
N MET D 67 -11.25 -25.32 14.57
CA MET D 67 -10.12 -24.47 14.23
C MET D 67 -10.42 -23.61 13.00
N ALA D 68 -10.01 -22.34 13.06
CA ALA D 68 -10.23 -21.45 11.94
C ALA D 68 -8.93 -21.13 11.21
N ILE D 69 -8.98 -21.12 9.88
CA ILE D 69 -7.81 -20.80 9.08
C ILE D 69 -8.25 -19.84 7.98
N TYR D 70 -7.31 -19.09 7.42
CA TYR D 70 -7.65 -18.15 6.35
C TYR D 70 -7.82 -18.94 5.05
N LYS D 71 -8.86 -18.59 4.30
CA LYS D 71 -9.20 -19.26 3.05
C LYS D 71 -8.18 -19.05 1.94
N GLN D 72 -7.93 -17.80 1.59
CA GLN D 72 -6.97 -17.48 0.53
C GLN D 72 -5.56 -17.96 0.87
N SER D 73 -4.92 -18.63 -0.10
CA SER D 73 -3.57 -19.18 0.07
C SER D 73 -2.50 -18.21 0.53
N GLN D 74 -2.62 -16.92 0.18
CA GLN D 74 -1.59 -15.98 0.61
C GLN D 74 -1.65 -15.62 2.08
N HIS D 75 -2.70 -16.08 2.76
CA HIS D 75 -2.88 -15.81 4.18
C HIS D 75 -2.94 -17.11 5.02
N MET D 76 -3.09 -18.23 4.35
CA MET D 76 -3.20 -19.53 5.00
C MET D 76 -2.20 -19.79 6.12
N THR D 77 -0.99 -19.24 6.00
CA THR D 77 0.01 -19.49 7.02
C THR D 77 -0.10 -18.59 8.25
N GLU D 78 -0.96 -17.59 8.16
CA GLU D 78 -1.17 -16.68 9.28
C GLU D 78 -2.23 -17.23 10.25
N VAL D 79 -1.88 -17.30 11.53
CA VAL D 79 -2.78 -17.79 12.55
C VAL D 79 -3.97 -16.85 12.70
N VAL D 80 -5.17 -17.41 12.71
CA VAL D 80 -6.38 -16.62 12.85
C VAL D 80 -6.61 -16.27 14.32
N ARG D 81 -6.51 -14.98 14.65
CA ARG D 81 -6.72 -14.54 16.03
C ARG D 81 -7.60 -13.30 16.13
N ARG D 82 -7.97 -12.91 17.36
CA ARG D 82 -8.77 -11.71 17.55
C ARG D 82 -7.94 -10.44 17.37
N CYS D 83 -8.62 -9.31 17.22
CA CYS D 83 -7.96 -8.03 17.04
C CYS D 83 -7.61 -7.46 18.41
N PRO D 84 -6.59 -6.59 18.47
CA PRO D 84 -6.15 -5.98 19.72
C PRO D 84 -7.30 -5.38 20.54
N HIS D 85 -8.14 -4.60 19.87
CA HIS D 85 -9.26 -3.95 20.54
C HIS D 85 -10.19 -4.95 21.23
N HIS D 86 -10.69 -5.90 20.46
CA HIS D 86 -11.61 -6.89 20.98
C HIS D 86 -10.94 -7.91 21.90
N GLU D 87 -9.64 -8.07 21.74
CA GLU D 87 -8.90 -9.01 22.57
C GLU D 87 -8.85 -8.53 24.01
N ARG D 88 -8.69 -7.22 24.20
CA ARG D 88 -8.62 -6.65 25.53
C ARG D 88 -10.00 -6.38 26.10
N SER D 89 -11.03 -6.76 25.36
CA SER D 89 -12.40 -6.56 25.81
C SER D 89 -12.71 -7.44 27.02
N SER D 90 -13.75 -7.07 27.75
CA SER D 90 -14.14 -7.82 28.94
C SER D 90 -15.27 -8.79 28.65
N ASP D 91 -15.42 -9.15 27.37
CA ASP D 91 -16.46 -10.08 26.95
C ASP D 91 -16.02 -11.51 27.25
N SER D 92 -14.95 -11.62 28.03
CA SER D 92 -14.39 -12.92 28.40
C SER D 92 -15.15 -13.54 29.57
N ASP D 93 -15.59 -14.78 29.39
CA ASP D 93 -16.33 -15.52 30.41
C ASP D 93 -15.41 -16.24 31.38
N GLY D 94 -14.10 -16.11 31.14
CA GLY D 94 -13.12 -16.74 31.99
C GLY D 94 -12.56 -18.01 31.40
N LEU D 95 -13.45 -18.95 31.06
CA LEU D 95 -13.04 -20.23 30.49
C LEU D 95 -12.25 -20.07 29.20
N ALA D 96 -12.75 -19.23 28.31
CA ALA D 96 -12.10 -18.98 27.04
C ALA D 96 -11.09 -17.84 27.10
N PRO D 97 -9.85 -18.09 26.65
CA PRO D 97 -8.81 -17.07 26.66
C PRO D 97 -9.29 -15.88 25.83
N PRO D 98 -8.90 -14.66 26.20
CA PRO D 98 -9.33 -13.49 25.44
C PRO D 98 -8.89 -13.41 23.97
N GLN D 99 -7.88 -14.18 23.58
CA GLN D 99 -7.41 -14.11 22.19
C GLN D 99 -8.07 -15.05 21.18
N HIS D 100 -8.82 -16.03 21.66
CA HIS D 100 -9.48 -16.97 20.77
C HIS D 100 -10.68 -16.35 20.03
N LEU D 101 -10.79 -16.69 18.75
CA LEU D 101 -11.88 -16.20 17.93
C LEU D 101 -13.09 -17.09 18.14
N ILE D 102 -12.87 -18.40 18.10
CA ILE D 102 -13.94 -19.36 18.26
C ILE D 102 -14.22 -19.78 19.70
N ARG D 103 -15.49 -19.75 20.08
CA ARG D 103 -15.90 -20.16 21.41
C ARG D 103 -17.03 -21.18 21.33
N VAL D 104 -17.08 -22.06 22.33
CA VAL D 104 -18.14 -23.06 22.39
C VAL D 104 -19.08 -22.54 23.46
N GLU D 105 -20.38 -22.63 23.22
CA GLU D 105 -21.34 -22.14 24.19
C GLU D 105 -22.17 -23.27 24.78
N GLY D 106 -22.54 -23.11 26.04
CA GLY D 106 -23.35 -24.11 26.71
C GLY D 106 -22.67 -25.43 27.01
N ASN D 107 -21.34 -25.41 27.17
CA ASN D 107 -20.60 -26.63 27.47
C ASN D 107 -19.38 -26.32 28.32
N LEU D 108 -19.47 -26.66 29.60
CA LEU D 108 -18.37 -26.40 30.52
C LEU D 108 -17.21 -27.37 30.43
N ARG D 109 -17.31 -28.36 29.54
CA ARG D 109 -16.23 -29.34 29.36
C ARG D 109 -15.31 -28.92 28.20
N ALA D 110 -15.67 -27.81 27.56
CA ALA D 110 -14.88 -27.29 26.45
C ALA D 110 -13.47 -26.87 26.91
N GLU D 111 -12.46 -27.25 26.14
CA GLU D 111 -11.08 -26.92 26.43
C GLU D 111 -10.47 -26.12 25.29
N TYR D 112 -9.78 -25.03 25.63
CA TYR D 112 -9.17 -24.17 24.62
C TYR D 112 -7.68 -24.41 24.56
N LEU D 113 -7.19 -24.71 23.37
CA LEU D 113 -5.77 -24.99 23.17
C LEU D 113 -5.07 -23.91 22.37
N ASP D 114 -3.86 -23.56 22.81
CA ASP D 114 -3.05 -22.58 22.11
C ASP D 114 -1.75 -23.33 21.81
N ASP D 115 -1.76 -24.09 20.73
CA ASP D 115 -0.62 -24.90 20.32
C ASP D 115 0.76 -24.24 20.50
N PRO D 116 1.69 -24.97 21.12
CA PRO D 116 3.06 -24.51 21.39
C PRO D 116 4.04 -24.75 20.25
N ASN D 117 3.59 -25.43 19.20
CA ASN D 117 4.44 -25.71 18.05
C ASN D 117 3.93 -25.00 16.80
N THR D 118 2.61 -24.97 16.64
CA THR D 118 1.99 -24.33 15.48
C THR D 118 1.38 -22.99 15.84
N PHE D 119 1.29 -22.69 17.13
CA PHE D 119 0.73 -21.43 17.60
C PHE D 119 -0.74 -21.23 17.19
N ARG D 120 -1.34 -22.27 16.64
CA ARG D 120 -2.73 -22.25 16.20
C ARG D 120 -3.69 -22.38 17.38
N HIS D 121 -4.87 -21.78 17.26
CA HIS D 121 -5.89 -21.82 18.30
C HIS D 121 -6.99 -22.81 17.93
N SER D 122 -7.59 -23.42 18.94
CA SER D 122 -8.67 -24.36 18.72
C SER D 122 -9.39 -24.63 20.03
N VAL D 123 -10.60 -25.18 19.93
CA VAL D 123 -11.40 -25.49 21.10
C VAL D 123 -11.93 -26.93 20.95
N VAL D 124 -11.81 -27.74 22.00
CA VAL D 124 -12.27 -29.13 21.96
C VAL D 124 -13.30 -29.46 23.01
N VAL D 125 -14.21 -30.38 22.65
CA VAL D 125 -15.24 -30.83 23.57
C VAL D 125 -15.44 -32.33 23.39
N PRO D 126 -15.75 -33.04 24.49
CA PRO D 126 -15.97 -34.49 24.41
C PRO D 126 -17.15 -34.78 23.48
N TYR D 127 -16.99 -35.74 22.57
CA TYR D 127 -18.08 -36.10 21.68
C TYR D 127 -19.27 -36.61 22.47
N GLU D 128 -20.46 -36.15 22.14
CA GLU D 128 -21.67 -36.59 22.83
C GLU D 128 -22.65 -37.13 21.80
N PRO D 129 -23.32 -38.26 22.12
CA PRO D 129 -24.29 -38.90 21.22
C PRO D 129 -25.51 -38.02 20.98
N PRO D 130 -26.28 -38.35 19.93
CA PRO D 130 -27.48 -37.57 19.58
C PRO D 130 -28.53 -37.68 20.69
N GLU D 131 -29.51 -36.77 20.66
CA GLU D 131 -30.57 -36.79 21.66
C GLU D 131 -31.56 -37.87 21.27
N VAL D 132 -32.23 -38.45 22.26
CA VAL D 132 -33.22 -39.48 22.02
C VAL D 132 -34.26 -38.98 21.02
N GLY D 133 -34.26 -39.56 19.82
CA GLY D 133 -35.22 -39.15 18.80
C GLY D 133 -34.57 -38.38 17.69
N SER D 134 -33.25 -38.19 17.79
CA SER D 134 -32.49 -37.44 16.79
C SER D 134 -31.34 -38.27 16.27
N ASP D 135 -30.86 -37.94 15.08
CA ASP D 135 -29.74 -38.64 14.46
C ASP D 135 -28.55 -37.71 14.26
N TYR D 136 -28.48 -36.65 15.06
CA TYR D 136 -27.40 -35.69 14.98
C TYR D 136 -27.14 -35.04 16.31
N THR D 137 -25.89 -34.63 16.53
CA THR D 137 -25.53 -33.96 17.77
C THR D 137 -25.27 -32.48 17.47
N THR D 138 -25.89 -31.60 18.24
CA THR D 138 -25.72 -30.18 18.04
C THR D 138 -24.62 -29.58 18.93
N ILE D 139 -23.93 -28.58 18.38
CA ILE D 139 -22.88 -27.89 19.09
C ILE D 139 -23.05 -26.41 18.78
N TYR D 140 -22.90 -25.57 19.79
CA TYR D 140 -23.08 -24.11 19.63
C TYR D 140 -21.79 -23.31 19.70
N PHE D 141 -21.52 -22.56 18.64
CA PHE D 141 -20.32 -21.75 18.58
C PHE D 141 -20.57 -20.24 18.71
N LYS D 142 -19.51 -19.50 18.99
CA LYS D 142 -19.59 -18.05 19.07
C LYS D 142 -18.31 -17.48 18.46
N PHE D 143 -18.48 -16.58 17.49
CA PHE D 143 -17.32 -15.95 16.85
C PHE D 143 -17.13 -14.55 17.43
N MET D 144 -16.01 -14.36 18.11
CA MET D 144 -15.70 -13.11 18.80
C MET D 144 -15.09 -11.96 18.02
N CYS D 145 -15.15 -12.00 16.70
CA CYS D 145 -14.62 -10.93 15.89
C CYS D 145 -15.31 -10.81 14.55
N ASN D 146 -15.38 -9.58 14.04
CA ASN D 146 -15.97 -9.35 12.74
C ASN D 146 -14.92 -9.71 11.70
N SER D 147 -15.32 -10.29 10.59
CA SER D 147 -14.37 -10.64 9.56
C SER D 147 -13.59 -9.41 9.10
N SER D 148 -14.10 -8.23 9.41
CA SER D 148 -13.48 -6.98 8.99
C SER D 148 -12.58 -6.36 10.03
N CYS D 149 -12.65 -6.83 11.27
CA CYS D 149 -11.81 -6.27 12.32
C CYS D 149 -10.35 -6.02 11.91
N MET D 150 -9.94 -4.75 11.89
CA MET D 150 -8.57 -4.44 11.55
C MET D 150 -7.67 -4.98 12.68
N GLY D 151 -6.47 -5.39 12.32
CA GLY D 151 -5.58 -5.94 13.33
C GLY D 151 -5.95 -7.40 13.54
N GLY D 152 -7.15 -7.78 13.12
CA GLY D 152 -7.60 -9.15 13.24
C GLY D 152 -7.71 -9.84 11.91
N MET D 153 -8.86 -10.44 11.62
CA MET D 153 -9.05 -11.12 10.34
C MET D 153 -8.90 -10.16 9.17
N ASN D 154 -9.14 -8.88 9.44
CA ASN D 154 -8.94 -7.83 8.43
C ASN D 154 -9.59 -8.07 7.08
N ARG D 155 -10.90 -8.25 7.08
CA ARG D 155 -11.64 -8.47 5.84
C ARG D 155 -11.20 -9.69 5.07
N ARG D 156 -10.47 -10.58 5.71
CA ARG D 156 -10.01 -11.79 5.04
C ARG D 156 -10.92 -12.99 5.38
N PRO D 157 -11.50 -13.61 4.35
CA PRO D 157 -12.38 -14.75 4.52
C PRO D 157 -11.72 -15.90 5.27
N ILE D 158 -12.43 -16.50 6.22
CA ILE D 158 -11.87 -17.61 6.98
C ILE D 158 -12.67 -18.88 6.73
N LEU D 159 -12.10 -20.01 7.14
CA LEU D 159 -12.72 -21.31 6.98
C LEU D 159 -12.64 -22.06 8.31
N VAL D 160 -13.77 -22.57 8.79
CA VAL D 160 -13.78 -23.29 10.05
C VAL D 160 -13.67 -24.81 9.82
N ILE D 161 -12.67 -25.43 10.43
CA ILE D 161 -12.45 -26.86 10.29
C ILE D 161 -12.91 -27.62 11.53
N ILE D 162 -13.79 -28.60 11.33
CA ILE D 162 -14.27 -29.43 12.43
C ILE D 162 -13.73 -30.83 12.24
N THR D 163 -12.91 -31.29 13.18
CA THR D 163 -12.33 -32.63 13.09
C THR D 163 -12.80 -33.51 14.25
N LEU D 164 -12.98 -34.78 13.95
CA LEU D 164 -13.39 -35.76 14.95
C LEU D 164 -12.11 -36.53 15.27
N GLU D 165 -11.80 -36.71 16.55
CA GLU D 165 -10.58 -37.41 16.93
C GLU D 165 -10.71 -38.32 18.15
N ASP D 166 -9.75 -39.23 18.31
CA ASP D 166 -9.76 -40.11 19.47
C ASP D 166 -9.09 -39.43 20.67
N SER D 167 -9.13 -40.09 21.83
CA SER D 167 -8.54 -39.54 23.05
C SER D 167 -7.11 -39.04 22.84
N SER D 168 -6.38 -39.62 21.89
CA SER D 168 -5.01 -39.20 21.62
C SER D 168 -4.88 -38.01 20.70
N GLY D 169 -5.88 -37.81 19.84
CA GLY D 169 -5.84 -36.69 18.91
C GLY D 169 -5.68 -37.14 17.47
N ASN D 170 -5.75 -38.44 17.25
CA ASN D 170 -5.63 -39.01 15.91
C ASN D 170 -6.89 -38.71 15.14
N LEU D 171 -6.74 -38.35 13.87
CA LEU D 171 -7.87 -38.02 13.02
C LEU D 171 -8.82 -39.19 12.76
N LEU D 172 -10.12 -38.95 12.98
CA LEU D 172 -11.14 -39.96 12.74
C LEU D 172 -12.12 -39.45 11.68
N GLY D 173 -12.19 -38.13 11.53
CA GLY D 173 -13.09 -37.54 10.55
C GLY D 173 -12.86 -36.05 10.47
N ARG D 174 -13.27 -35.44 9.36
CA ARG D 174 -13.08 -34.01 9.18
C ARG D 174 -14.02 -33.42 8.15
N ASP D 175 -14.49 -32.20 8.42
CA ASP D 175 -15.40 -31.50 7.51
C ASP D 175 -15.18 -30.01 7.75
N SER D 176 -15.82 -29.16 6.97
CA SER D 176 -15.62 -27.72 7.12
C SER D 176 -16.60 -26.86 6.36
N PHE D 177 -16.65 -25.58 6.71
CA PHE D 177 -17.54 -24.62 6.06
C PHE D 177 -16.94 -23.24 6.20
N GLU D 178 -17.28 -22.34 5.29
CA GLU D 178 -16.74 -20.99 5.36
C GLU D 178 -17.58 -20.18 6.32
N VAL D 179 -17.00 -19.12 6.87
CA VAL D 179 -17.71 -18.27 7.82
C VAL D 179 -17.40 -16.79 7.64
N ARG D 180 -18.43 -15.97 7.76
CA ARG D 180 -18.28 -14.53 7.66
C ARG D 180 -19.02 -13.91 8.83
N VAL D 181 -18.29 -13.24 9.71
CA VAL D 181 -18.93 -12.59 10.84
C VAL D 181 -19.14 -11.13 10.47
N CYS D 182 -20.39 -10.72 10.34
CA CYS D 182 -20.70 -9.34 9.96
C CYS D 182 -21.84 -8.76 10.80
N ALA D 183 -22.21 -7.51 10.52
CA ALA D 183 -23.28 -6.85 11.24
C ALA D 183 -24.65 -7.13 10.64
N CYS D 184 -24.69 -7.36 9.33
CA CYS D 184 -25.94 -7.62 8.62
C CYS D 184 -25.81 -8.92 7.83
N PRO D 185 -26.02 -10.06 8.50
CA PRO D 185 -25.91 -11.38 7.87
C PRO D 185 -26.87 -11.55 6.68
N GLY D 186 -28.13 -11.20 6.87
CA GLY D 186 -29.11 -11.33 5.81
C GLY D 186 -28.70 -10.60 4.55
N ARG D 187 -28.38 -9.31 4.69
CA ARG D 187 -27.97 -8.52 3.55
C ARG D 187 -26.79 -9.16 2.83
N ASP D 188 -25.66 -9.25 3.53
CA ASP D 188 -24.44 -9.79 2.96
C ASP D 188 -24.64 -11.14 2.30
N ARG D 189 -25.58 -11.93 2.80
CA ARG D 189 -25.83 -13.23 2.19
C ARG D 189 -26.52 -13.05 0.83
N ARG D 190 -27.51 -12.17 0.78
CA ARG D 190 -28.21 -11.94 -0.47
C ARG D 190 -27.23 -11.50 -1.54
N THR D 191 -26.43 -10.49 -1.20
CA THR D 191 -25.44 -9.93 -2.11
C THR D 191 -24.49 -10.99 -2.68
N GLU D 192 -23.97 -11.84 -1.80
CA GLU D 192 -23.04 -12.86 -2.24
C GLU D 192 -23.69 -13.98 -3.05
N GLU D 193 -24.93 -14.35 -2.71
CA GLU D 193 -25.62 -15.38 -3.46
C GLU D 193 -26.02 -14.78 -4.80
N GLU D 194 -26.25 -13.47 -4.80
CA GLU D 194 -26.60 -12.74 -6.01
C GLU D 194 -25.41 -12.68 -6.95
N ASN D 195 -24.23 -12.37 -6.41
CA ASN D 195 -23.02 -12.30 -7.23
C ASN D 195 -22.68 -13.69 -7.74
N LEU D 196 -23.17 -14.71 -7.05
CA LEU D 196 -22.93 -16.09 -7.45
C LEU D 196 -23.78 -16.42 -8.66
N ARG D 197 -25.02 -15.94 -8.64
CA ARG D 197 -25.96 -16.18 -9.73
C ARG D 197 -25.43 -15.55 -11.02
N LYS D 198 -25.17 -14.25 -10.95
CA LYS D 198 -24.67 -13.51 -12.11
C LYS D 198 -23.45 -14.18 -12.72
N LYS D 199 -22.70 -14.90 -11.90
CA LYS D 199 -21.50 -15.59 -12.34
C LYS D 199 -21.84 -16.80 -13.20
N THR D 200 -23.04 -17.36 -13.00
CA THR D 200 -23.46 -18.53 -13.75
C THR D 200 -24.68 -18.21 -14.63
N MET D 201 -24.69 -17.02 -15.21
CA MET D 201 -25.78 -16.60 -16.08
C MET D 201 -25.29 -15.73 -17.23
N ASP D 202 -23.99 -15.42 -17.25
CA ASP D 202 -23.47 -14.57 -18.32
C ASP D 202 -24.05 -14.97 -19.69
N GLY D 203 -24.44 -13.98 -20.47
CA GLY D 203 -25.02 -14.25 -21.77
C GLY D 203 -24.30 -13.66 -22.96
N GLU D 204 -22.99 -13.52 -22.88
CA GLU D 204 -22.21 -12.99 -24.00
C GLU D 204 -21.60 -14.15 -24.79
N TYR D 205 -21.75 -14.10 -26.10
CA TYR D 205 -21.21 -15.14 -26.96
C TYR D 205 -19.79 -14.85 -27.43
N PHE D 206 -18.88 -15.76 -27.12
CA PHE D 206 -17.48 -15.62 -27.52
C PHE D 206 -17.14 -16.69 -28.56
N THR D 207 -15.94 -16.61 -29.13
CA THR D 207 -15.52 -17.57 -30.13
C THR D 207 -14.33 -18.40 -29.66
N LEU D 208 -14.25 -19.63 -30.16
CA LEU D 208 -13.15 -20.54 -29.80
C LEU D 208 -12.80 -21.41 -31.01
N GLN D 209 -11.52 -21.36 -31.40
CA GLN D 209 -11.05 -22.14 -32.55
C GLN D 209 -10.44 -23.47 -32.11
N ILE D 210 -10.55 -24.47 -32.97
CA ILE D 210 -10.02 -25.81 -32.70
C ILE D 210 -9.17 -26.24 -33.89
N ARG D 211 -8.30 -27.22 -33.69
CA ARG D 211 -7.44 -27.72 -34.75
C ARG D 211 -7.60 -29.23 -34.91
N GLY D 212 -8.81 -29.73 -34.64
CA GLY D 212 -9.07 -31.16 -34.77
C GLY D 212 -10.51 -31.50 -35.10
N ARG D 213 -10.76 -32.79 -35.34
CA ARG D 213 -12.11 -33.26 -35.67
C ARG D 213 -12.66 -34.19 -34.60
N GLU D 214 -11.76 -34.86 -33.87
CA GLU D 214 -12.15 -35.78 -32.81
C GLU D 214 -12.34 -35.06 -31.47
N ARG D 215 -11.25 -34.52 -30.94
CA ARG D 215 -11.29 -33.80 -29.67
C ARG D 215 -12.35 -32.70 -29.73
N PHE D 216 -12.54 -32.14 -30.92
CA PHE D 216 -13.54 -31.10 -31.12
C PHE D 216 -14.91 -31.62 -30.70
N GLU D 217 -15.15 -32.88 -31.05
CA GLU D 217 -16.42 -33.53 -30.73
C GLU D 217 -16.78 -33.48 -29.25
N GLN D 218 -15.77 -33.68 -28.40
CA GLN D 218 -16.00 -33.66 -26.95
C GLN D 218 -16.49 -32.31 -26.48
N PHE D 219 -15.81 -31.25 -26.92
CA PHE D 219 -16.17 -29.89 -26.55
C PHE D 219 -17.35 -29.45 -27.41
N ARG D 220 -17.90 -30.40 -28.15
CA ARG D 220 -19.03 -30.16 -29.02
C ARG D 220 -20.23 -30.83 -28.38
N GLU D 221 -19.98 -31.98 -27.75
CA GLU D 221 -21.03 -32.75 -27.08
C GLU D 221 -21.41 -32.09 -25.76
N ARG D 222 -20.64 -31.07 -25.36
CA ARG D 222 -20.91 -30.38 -24.11
C ARG D 222 -21.44 -28.96 -24.33
N ASN D 223 -20.96 -28.31 -25.39
CA ASN D 223 -21.39 -26.95 -25.70
C ASN D 223 -22.89 -26.84 -25.94
N GLU D 224 -23.37 -27.38 -27.05
CA GLU D 224 -24.79 -27.33 -27.39
C GLU D 224 -25.58 -28.38 -26.61
N ALA D 225 -25.09 -28.72 -25.42
CA ALA D 225 -25.75 -29.69 -24.55
C ALA D 225 -26.05 -29.09 -23.18
N LEU D 226 -25.24 -28.11 -22.79
CA LEU D 226 -25.41 -27.43 -21.51
C LEU D 226 -26.41 -26.29 -21.63
N GLU D 227 -26.63 -25.83 -22.86
CA GLU D 227 -27.57 -24.77 -23.13
C GLU D 227 -29.00 -25.30 -23.17
N LEU D 228 -29.13 -26.60 -22.88
CA LEU D 228 -30.43 -27.26 -22.86
C LEU D 228 -30.89 -27.36 -21.41
N LYS D 229 -30.03 -27.97 -20.59
CA LYS D 229 -30.31 -28.16 -19.17
C LYS D 229 -30.37 -26.79 -18.47
N ASP D 230 -31.55 -26.18 -18.46
CA ASP D 230 -31.75 -24.88 -17.85
C ASP D 230 -33.19 -24.73 -17.33
N ALA D 231 -33.75 -25.84 -16.85
CA ALA D 231 -35.11 -25.84 -16.34
C ALA D 231 -35.27 -25.16 -14.97
N GLN D 232 -34.58 -24.03 -14.79
CA GLN D 232 -34.67 -23.26 -13.55
C GLN D 232 -35.43 -21.96 -13.79
N ALA D 233 -35.08 -21.27 -14.87
CA ALA D 233 -35.73 -20.02 -15.24
C ALA D 233 -36.47 -20.15 -16.58
N THR D 234 -36.98 -21.35 -16.85
CA THR D 234 -37.72 -21.62 -18.08
C THR D 234 -38.70 -22.77 -17.89
#